data_7SGY
#
_entry.id   7SGY
#
_cell.length_a   69.440
_cell.length_b   59.580
_cell.length_c   70.940
_cell.angle_alpha   90.000
_cell.angle_beta   107.698
_cell.angle_gamma   90.000
#
_symmetry.space_group_name_H-M   'P 1 21 1'
#
loop_
_entity.id
_entity.type
_entity.pdbx_description
1 polymer 'Bibenzyl synthase'
2 non-polymer 'CHLORIDE ION'
3 water water
#
_entity_poly.entity_id   1
_entity_poly.type   'polypeptide(L)'
_entity_poly.pdbx_seq_one_letter_code
;MGSSHHHHHHSSGLVPRGSHMASMTGGQQMGRGSMASISVDQIRKAQRANGPATVLAIGTANPPTSFYQADYPDFYFRVT
KNQHMTELKDKFKRICEKTTIKKRHLYLTEDRLNQHPNLLEYMAPSLNTRQDMLVVEIPKLGKEAAMKAIKEWGQPKSRI
THLIFCSTNGVDMPGADYECAKLLGLSSSVKRVMLYQQG(CSO)HAGGSVLRIAKDLAENNKGARILTVNSEITIGIFHS
PDETYFDGMVGQALFGDGASATIVGADPDKEIGERPIFEMVSAAQEFIPNSDGAVDGHLTEAGLVYHIHKDVPGLISKNI
EKSLVEALNPIGISDWNSLFWIVHPGGPAILNAVEAKLHLKKEKMADTRYVLSEYGNMSSVSIFFIMDKLRKRSLEEGKS
TTGDGFEWGVLFGFGPGLTVETIVLHALQTS
;
_entity_poly.pdbx_strand_id   A,B
#
# COMPACT_ATOMS: atom_id res chain seq x y z
N SER A 39 4.31 30.99 -9.39
CA SER A 39 5.15 30.78 -8.21
C SER A 39 5.16 29.32 -7.80
N VAL A 40 4.30 28.51 -8.43
CA VAL A 40 4.27 27.09 -8.13
C VAL A 40 5.51 26.40 -8.67
N ASP A 41 6.06 26.89 -9.78
CA ASP A 41 7.34 26.38 -10.26
C ASP A 41 8.51 26.89 -9.44
N GLN A 42 8.36 28.02 -8.76
CA GLN A 42 9.37 28.42 -7.78
C GLN A 42 9.32 27.53 -6.55
N ILE A 43 8.11 27.15 -6.11
CA ILE A 43 7.98 26.21 -5.01
C ILE A 43 8.53 24.85 -5.40
N ARG A 44 8.41 24.48 -6.67
CA ARG A 44 8.83 23.15 -7.11
C ARG A 44 10.33 22.96 -6.92
N LYS A 45 11.12 24.00 -7.18
CA LYS A 45 12.57 23.89 -6.99
C LYS A 45 12.95 24.09 -5.53
N ALA A 46 12.29 25.02 -4.84
CA ALA A 46 12.56 25.23 -3.42
C ALA A 46 12.19 24.02 -2.57
N GLN A 47 11.36 23.12 -3.10
CA GLN A 47 10.86 21.98 -2.34
C GLN A 47 11.60 20.69 -2.63
N ARG A 48 12.26 20.56 -3.77
CA ARG A 48 12.89 19.31 -4.19
C ARG A 48 14.32 19.24 -3.68
N ALA A 49 14.79 18.01 -3.46
CA ALA A 49 16.18 17.78 -3.11
C ALA A 49 17.03 17.76 -4.37
N ASN A 50 18.34 17.59 -4.21
CA ASN A 50 19.27 17.64 -5.33
C ASN A 50 20.06 16.36 -5.54
N GLY A 51 20.48 15.70 -4.47
CA GLY A 51 21.27 14.49 -4.58
C GLY A 51 20.40 13.25 -4.68
N PRO A 52 21.02 12.12 -5.03
CA PRO A 52 20.26 10.87 -5.07
C PRO A 52 19.93 10.36 -3.68
N ALA A 53 18.86 9.57 -3.61
CA ALA A 53 18.46 8.97 -2.34
C ALA A 53 19.54 8.02 -1.85
N THR A 54 19.95 8.20 -0.59
CA THR A 54 20.99 7.39 0.02
C THR A 54 20.45 6.73 1.28
N VAL A 55 20.93 5.51 1.55
CA VAL A 55 20.60 4.81 2.78
C VAL A 55 21.53 5.32 3.88
N LEU A 56 20.94 5.90 4.92
CA LEU A 56 21.68 6.53 6.00
C LEU A 56 21.83 5.64 7.23
N ALA A 57 21.08 4.54 7.32
CA ALA A 57 21.12 3.68 8.50
C ALA A 57 20.26 2.46 8.28
N ILE A 58 20.58 1.36 8.95
CA ILE A 58 19.85 0.11 8.82
C ILE A 58 19.73 -0.53 10.19
N GLY A 59 18.52 -0.92 10.55
CA GLY A 59 18.27 -1.63 11.78
C GLY A 59 17.45 -2.87 11.52
N THR A 60 17.71 -3.91 12.30
CA THR A 60 17.06 -5.20 12.12
C THR A 60 16.54 -5.71 13.46
N ALA A 61 15.67 -6.71 13.39
CA ALA A 61 15.09 -7.32 14.58
C ALA A 61 14.48 -8.67 14.19
N ASN A 62 14.31 -9.52 15.20
CA ASN A 62 13.72 -10.84 15.02
C ASN A 62 13.07 -11.24 16.33
N PRO A 63 12.02 -12.07 16.28
CA PRO A 63 11.50 -12.63 17.52
C PRO A 63 12.58 -13.38 18.26
N PRO A 64 12.54 -13.38 19.60
CA PRO A 64 13.66 -13.95 20.36
C PRO A 64 13.87 -15.43 20.11
N THR A 65 12.80 -16.23 20.05
CA THR A 65 12.95 -17.67 19.96
C THR A 65 13.45 -18.08 18.58
N SER A 66 14.54 -18.85 18.56
CA SER A 66 15.12 -19.37 17.33
C SER A 66 14.86 -20.86 17.23
N PHE A 67 14.55 -21.33 16.02
CA PHE A 67 14.29 -22.73 15.75
C PHE A 67 15.27 -23.21 14.68
N TYR A 68 16.11 -24.17 15.05
CA TYR A 68 17.08 -24.71 14.10
C TYR A 68 16.40 -25.65 13.11
N GLN A 69 16.72 -25.46 11.83
CA GLN A 69 15.99 -26.17 10.78
C GLN A 69 16.09 -27.67 10.96
N ALA A 70 17.24 -28.17 11.42
CA ALA A 70 17.40 -29.61 11.63
C ALA A 70 16.53 -30.14 12.75
N ASP A 71 15.91 -29.27 13.54
CA ASP A 71 15.03 -29.67 14.63
C ASP A 71 13.61 -29.18 14.47
N TYR A 72 13.32 -28.39 13.43
CA TYR A 72 11.99 -27.81 13.27
C TYR A 72 10.97 -28.89 12.92
N PRO A 73 11.29 -29.83 12.02
CA PRO A 73 10.33 -30.91 11.73
C PRO A 73 9.88 -31.66 12.97
N ASP A 74 10.79 -31.93 13.90
CA ASP A 74 10.40 -32.62 15.12
C ASP A 74 9.57 -31.73 16.04
N PHE A 75 9.82 -30.43 16.03
CA PHE A 75 8.95 -29.50 16.75
C PHE A 75 7.61 -29.32 16.03
N TYR A 76 7.66 -29.22 14.70
CA TYR A 76 6.46 -28.92 13.93
C TYR A 76 5.42 -30.02 14.08
N PHE A 77 5.84 -31.28 13.94
CA PHE A 77 4.91 -32.40 14.02
C PHE A 77 4.50 -32.74 15.44
N ARG A 78 5.15 -32.16 16.46
CA ARG A 78 4.77 -32.42 17.84
C ARG A 78 3.62 -31.51 18.28
N VAL A 79 3.75 -30.21 18.01
CA VAL A 79 2.72 -29.26 18.44
C VAL A 79 1.40 -29.52 17.73
N THR A 80 1.46 -30.01 16.49
CA THR A 80 0.25 -30.36 15.76
C THR A 80 -0.33 -31.71 16.18
N LYS A 81 0.38 -32.47 17.02
CA LYS A 81 -0.04 -33.81 17.41
C LYS A 81 -0.11 -34.72 16.19
N ASN A 82 0.99 -34.78 15.45
CA ASN A 82 1.14 -35.63 14.27
C ASN A 82 2.47 -36.35 14.29
N GLN A 83 2.93 -36.73 15.49
CA GLN A 83 4.18 -37.47 15.61
C GLN A 83 4.05 -38.89 15.09
N HIS A 84 2.82 -39.39 14.94
CA HIS A 84 2.58 -40.72 14.39
C HIS A 84 2.70 -40.78 12.87
N MET A 85 2.80 -39.62 12.21
CA MET A 85 2.92 -39.56 10.76
C MET A 85 4.40 -39.54 10.38
N THR A 86 5.02 -40.71 10.56
CA THR A 86 6.47 -40.82 10.37
C THR A 86 6.86 -40.54 8.92
N GLU A 87 6.12 -41.14 7.97
CA GLU A 87 6.45 -40.94 6.57
C GLU A 87 6.26 -39.49 6.15
N LEU A 88 5.24 -38.82 6.69
CA LEU A 88 5.05 -37.40 6.42
C LEU A 88 6.08 -36.56 7.14
N LYS A 89 6.54 -37.01 8.31
CA LYS A 89 7.55 -36.24 9.05
C LYS A 89 8.91 -36.29 8.35
N ASP A 90 9.32 -37.47 7.88
CA ASP A 90 10.58 -37.56 7.15
C ASP A 90 10.49 -36.87 5.80
N LYS A 91 9.29 -36.80 5.21
CA LYS A 91 9.12 -36.03 3.99
C LYS A 91 9.31 -34.54 4.27
N PHE A 92 8.83 -34.07 5.42
CA PHE A 92 9.03 -32.67 5.79
C PHE A 92 10.46 -32.40 6.24
N LYS A 93 11.12 -33.39 6.84
CA LYS A 93 12.53 -33.26 7.17
C LYS A 93 13.35 -32.97 5.92
N ARG A 94 13.21 -33.83 4.90
CA ARG A 94 13.93 -33.65 3.65
C ARG A 94 13.66 -32.29 3.03
N ILE A 95 12.42 -31.80 3.14
CA ILE A 95 12.10 -30.46 2.65
C ILE A 95 12.93 -29.42 3.40
N CYS A 96 13.02 -29.55 4.73
CA CYS A 96 13.75 -28.57 5.51
C CYS A 96 15.26 -28.70 5.29
N GLU A 97 15.75 -29.90 5.01
CA GLU A 97 17.17 -30.07 4.75
C GLU A 97 17.59 -29.35 3.47
N LYS A 98 16.75 -29.43 2.42
CA LYS A 98 17.09 -28.85 1.13
C LYS A 98 16.87 -27.35 1.05
N THR A 99 16.29 -26.73 2.08
CA THR A 99 16.19 -25.28 2.08
C THR A 99 17.53 -24.60 2.33
N THR A 100 18.54 -25.36 2.75
CA THR A 100 19.84 -24.83 3.19
C THR A 100 19.71 -23.91 4.39
N ILE A 101 18.50 -23.77 4.94
CA ILE A 101 18.30 -22.96 6.14
C ILE A 101 18.83 -23.73 7.35
N LYS A 102 19.52 -23.02 8.24
CA LYS A 102 19.99 -23.60 9.48
C LYS A 102 19.28 -23.08 10.71
N LYS A 103 18.78 -21.85 10.67
CA LYS A 103 18.13 -21.24 11.83
C LYS A 103 17.06 -20.27 11.36
N ARG A 104 15.98 -20.17 12.14
CA ARG A 104 14.91 -19.23 11.88
C ARG A 104 14.35 -18.74 13.21
N HIS A 105 14.02 -17.46 13.27
CA HIS A 105 13.39 -16.86 14.43
C HIS A 105 11.89 -16.74 14.17
N LEU A 106 11.09 -17.30 15.07
CA LEU A 106 9.65 -17.38 14.90
C LEU A 106 8.94 -16.84 16.13
N TYR A 107 7.85 -16.10 15.90
CA TYR A 107 7.03 -15.63 17.00
C TYR A 107 6.17 -16.76 17.57
N LEU A 108 5.63 -17.60 16.70
CA LEU A 108 4.76 -18.70 17.12
C LEU A 108 5.58 -19.77 17.84
N THR A 109 5.59 -19.70 19.17
CA THR A 109 6.26 -20.69 19.98
C THR A 109 5.32 -21.86 20.25
N GLU A 110 5.83 -22.88 20.96
CA GLU A 110 5.00 -24.03 21.28
C GLU A 110 3.83 -23.65 22.16
N ASP A 111 4.01 -22.66 23.04
CA ASP A 111 2.95 -22.27 23.96
C ASP A 111 1.85 -21.50 23.24
N ARG A 112 2.22 -20.57 22.36
CA ARG A 112 1.22 -19.80 21.62
C ARG A 112 0.31 -20.71 20.81
N LEU A 113 0.88 -21.73 20.15
CA LEU A 113 0.07 -22.69 19.43
C LEU A 113 -0.77 -23.53 20.38
N ASN A 114 -0.24 -23.86 21.55
CA ASN A 114 -1.02 -24.62 22.54
C ASN A 114 -2.26 -23.86 22.98
N GLN A 115 -2.18 -22.53 23.05
CA GLN A 115 -3.29 -21.72 23.55
C GLN A 115 -4.28 -21.33 22.47
N HIS A 116 -3.91 -21.46 21.19
CA HIS A 116 -4.79 -21.18 20.06
C HIS A 116 -4.88 -22.44 19.22
N PRO A 117 -5.68 -23.43 19.64
CA PRO A 117 -5.73 -24.69 18.90
C PRO A 117 -6.17 -24.54 17.46
N ASN A 118 -6.99 -23.52 17.15
CA ASN A 118 -7.44 -23.33 15.78
C ASN A 118 -6.28 -23.15 14.81
N LEU A 119 -5.12 -22.70 15.30
CA LEU A 119 -3.94 -22.65 14.44
C LEU A 119 -3.43 -24.05 14.11
N LEU A 120 -3.67 -25.02 14.99
CA LEU A 120 -3.18 -26.37 14.81
C LEU A 120 -4.17 -27.25 14.04
N GLU A 121 -5.40 -26.81 13.84
CA GLU A 121 -6.31 -27.48 12.93
C GLU A 121 -5.95 -27.10 11.50
N TYR A 122 -6.05 -28.08 10.59
CA TYR A 122 -5.54 -27.89 9.23
C TYR A 122 -6.12 -26.64 8.59
N MET A 123 -7.45 -26.56 8.49
CA MET A 123 -8.09 -25.46 7.76
C MET A 123 -9.24 -24.87 8.57
N ALA A 124 -9.14 -24.89 9.89
CA ALA A 124 -10.18 -24.31 10.73
C ALA A 124 -10.13 -22.79 10.66
N PRO A 125 -11.27 -22.12 10.79
CA PRO A 125 -11.28 -20.65 10.80
C PRO A 125 -10.38 -20.11 11.91
N SER A 126 -9.34 -19.40 11.51
CA SER A 126 -8.42 -18.79 12.46
C SER A 126 -7.93 -17.43 12.00
N LEU A 127 -8.63 -16.80 11.04
CA LEU A 127 -8.22 -15.50 10.55
C LEU A 127 -8.31 -14.44 11.64
N ASN A 128 -9.33 -14.54 12.51
CA ASN A 128 -9.48 -13.55 13.57
C ASN A 128 -8.39 -13.69 14.62
N THR A 129 -8.15 -14.92 15.10
CA THR A 129 -7.09 -15.11 16.09
C THR A 129 -5.72 -14.77 15.52
N ARG A 130 -5.54 -14.93 14.22
CA ARG A 130 -4.30 -14.49 13.59
C ARG A 130 -4.21 -12.97 13.54
N GLN A 131 -5.31 -12.31 13.18
CA GLN A 131 -5.34 -10.85 13.18
C GLN A 131 -5.06 -10.30 14.58
N ASP A 132 -5.55 -10.98 15.61
CA ASP A 132 -5.40 -10.46 16.97
C ASP A 132 -3.93 -10.34 17.35
N MET A 133 -3.12 -11.34 16.99
CA MET A 133 -1.69 -11.26 17.28
C MET A 133 -0.98 -10.34 16.31
N LEU A 134 -1.37 -10.38 15.03
CA LEU A 134 -0.63 -9.66 14.00
C LEU A 134 -0.76 -8.15 14.16
N VAL A 135 -1.98 -7.65 14.39
CA VAL A 135 -2.17 -6.21 14.47
C VAL A 135 -1.35 -5.62 15.60
N VAL A 136 -1.08 -6.41 16.64
CA VAL A 136 -0.28 -5.92 17.76
C VAL A 136 1.21 -6.13 17.51
N GLU A 137 1.60 -7.28 16.99
CA GLU A 137 3.01 -7.64 16.91
C GLU A 137 3.69 -7.07 15.66
N ILE A 138 2.96 -6.89 14.57
CA ILE A 138 3.57 -6.37 13.34
C ILE A 138 4.19 -5.00 13.63
N PRO A 139 3.44 -4.04 14.18
CA PRO A 139 4.04 -2.75 14.49
C PRO A 139 5.07 -2.84 15.60
N LYS A 140 4.94 -3.79 16.52
CA LYS A 140 5.89 -3.88 17.62
C LYS A 140 7.27 -4.32 17.13
N LEU A 141 7.33 -5.40 16.36
CA LEU A 141 8.60 -5.83 15.81
C LEU A 141 9.17 -4.78 14.85
N GLY A 142 8.29 -4.10 14.11
CA GLY A 142 8.75 -3.02 13.25
C GLY A 142 9.36 -1.87 14.03
N LYS A 143 8.68 -1.45 15.11
CA LYS A 143 9.23 -0.40 15.95
C LYS A 143 10.58 -0.80 16.54
N GLU A 144 10.73 -2.09 16.88
CA GLU A 144 11.99 -2.59 17.42
C GLU A 144 13.13 -2.36 16.43
N ALA A 145 12.93 -2.75 15.18
CA ALA A 145 13.94 -2.51 14.15
C ALA A 145 14.07 -1.04 13.82
N ALA A 146 12.98 -0.28 13.94
CA ALA A 146 13.02 1.14 13.60
C ALA A 146 13.89 1.91 14.60
N MET A 147 13.81 1.58 15.88
N MET A 147 13.79 1.58 15.88
CA MET A 147 14.61 2.29 16.87
CA MET A 147 14.61 2.27 16.88
C MET A 147 16.10 2.06 16.66
C MET A 147 16.09 2.07 16.62
N LYS A 148 16.50 0.83 16.31
CA LYS A 148 17.90 0.56 16.01
C LYS A 148 18.39 1.43 14.86
N ALA A 149 17.60 1.52 13.80
CA ALA A 149 17.98 2.38 12.66
C ALA A 149 18.04 3.84 13.07
N ILE A 150 17.09 4.29 13.89
CA ILE A 150 17.06 5.68 14.30
C ILE A 150 18.26 6.00 15.19
N LYS A 151 18.60 5.09 16.11
CA LYS A 151 19.75 5.31 16.99
C LYS A 151 21.03 5.44 16.18
N GLU A 152 21.25 4.55 15.22
CA GLU A 152 22.44 4.64 14.37
C GLU A 152 22.43 5.94 13.59
N TRP A 153 21.29 6.28 12.98
CA TRP A 153 21.18 7.55 12.26
C TRP A 153 21.53 8.71 13.17
N GLY A 154 21.06 8.68 14.42
CA GLY A 154 21.49 9.62 15.43
C GLY A 154 20.75 10.95 15.45
N GLN A 155 19.98 11.27 14.41
CA GLN A 155 19.26 12.52 14.37
C GLN A 155 17.93 12.40 15.12
N PRO A 156 17.36 13.52 15.54
CA PRO A 156 16.12 13.45 16.33
C PRO A 156 14.95 12.94 15.50
N LYS A 157 14.03 12.26 16.19
CA LYS A 157 12.86 11.71 15.52
C LYS A 157 12.07 12.78 14.77
N SER A 158 12.12 14.03 15.23
CA SER A 158 11.35 15.08 14.60
C SER A 158 11.74 15.30 13.15
N ARG A 159 12.95 14.91 12.75
CA ARG A 159 13.39 15.09 11.39
C ARG A 159 12.95 13.97 10.45
N ILE A 160 12.25 12.96 10.96
CA ILE A 160 11.65 11.94 10.11
C ILE A 160 10.38 12.52 9.51
N THR A 161 10.36 12.66 8.18
CA THR A 161 9.24 13.28 7.48
C THR A 161 8.30 12.27 6.84
N HIS A 162 8.78 11.07 6.52
CA HIS A 162 7.97 10.05 5.88
C HIS A 162 8.13 8.72 6.60
N LEU A 163 7.13 7.86 6.44
CA LEU A 163 7.17 6.51 6.99
C LEU A 163 6.56 5.56 5.97
N ILE A 164 7.36 4.59 5.52
CA ILE A 164 6.91 3.52 4.64
C ILE A 164 6.91 2.24 5.45
N PHE A 165 5.72 1.75 5.79
CA PHE A 165 5.58 0.49 6.51
C PHE A 165 5.08 -0.59 5.57
N CYS A 166 5.75 -1.73 5.56
CA CYS A 166 5.44 -2.84 4.68
C CYS A 166 5.28 -4.11 5.49
N SER A 167 4.13 -4.78 5.33
CA SER A 167 3.86 -6.04 6.00
C SER A 167 2.92 -6.85 5.13
N THR A 168 3.21 -8.15 5.01
CA THR A 168 2.34 -9.02 4.22
C THR A 168 1.05 -9.33 4.97
N ASN A 169 1.14 -9.51 6.29
CA ASN A 169 0.02 -9.98 7.10
C ASN A 169 -0.48 -8.87 8.01
N GLY A 170 -1.66 -9.12 8.59
CA GLY A 170 -2.21 -8.24 9.60
C GLY A 170 -2.84 -6.96 9.10
N VAL A 171 -3.64 -7.02 8.04
CA VAL A 171 -4.29 -5.82 7.54
C VAL A 171 -5.25 -5.30 8.60
N ASP A 172 -5.22 -3.98 8.81
CA ASP A 172 -6.03 -3.35 9.85
C ASP A 172 -6.20 -1.88 9.51
N MET A 173 -7.24 -1.28 10.08
CA MET A 173 -7.56 0.12 9.84
C MET A 173 -7.80 0.81 11.18
N PRO A 174 -6.98 1.80 11.57
CA PRO A 174 -5.81 2.24 10.81
C PRO A 174 -4.71 1.18 10.78
N GLY A 175 -3.82 1.28 9.80
CA GLY A 175 -2.84 0.24 9.56
C GLY A 175 -1.65 0.32 10.50
N ALA A 176 -0.69 -0.59 10.25
CA ALA A 176 0.53 -0.64 11.07
C ALA A 176 1.40 0.59 10.86
N ASP A 177 1.24 1.30 9.75
CA ASP A 177 2.00 2.53 9.56
C ASP A 177 1.64 3.55 10.65
N TYR A 178 0.35 3.64 11.00
CA TYR A 178 -0.06 4.54 12.06
C TYR A 178 0.37 4.01 13.42
N GLU A 179 0.18 2.72 13.66
CA GLU A 179 0.55 2.13 14.95
C GLU A 179 2.05 2.31 15.21
N CYS A 180 2.88 2.01 14.21
CA CYS A 180 4.32 2.15 14.39
C CYS A 180 4.71 3.60 14.63
N ALA A 181 4.16 4.51 13.83
CA ALA A 181 4.39 5.94 14.09
C ALA A 181 3.92 6.33 15.48
N LYS A 182 2.82 5.73 15.94
CA LYS A 182 2.33 6.00 17.30
C LYS A 182 3.29 5.43 18.34
N LEU A 183 3.76 4.20 18.13
CA LEU A 183 4.68 3.60 19.09
C LEU A 183 6.03 4.31 19.10
N LEU A 184 6.50 4.75 17.93
CA LEU A 184 7.78 5.43 17.84
C LEU A 184 7.70 6.87 18.35
N GLY A 185 6.51 7.45 18.38
CA GLY A 185 6.37 8.84 18.78
C GLY A 185 6.75 9.83 17.70
N LEU A 186 6.53 9.48 16.43
CA LEU A 186 6.85 10.37 15.34
C LEU A 186 5.89 11.56 15.32
N SER A 187 6.24 12.57 14.52
CA SER A 187 5.38 13.73 14.36
C SER A 187 4.06 13.34 13.72
N SER A 188 3.01 14.08 14.08
CA SER A 188 1.71 13.84 13.46
C SER A 188 1.74 14.12 11.96
N SER A 189 2.72 14.86 11.48
CA SER A 189 2.81 15.24 10.07
C SER A 189 3.56 14.24 9.22
N VAL A 190 4.00 13.11 9.81
CA VAL A 190 4.72 12.12 9.01
C VAL A 190 3.83 11.65 7.86
N LYS A 191 4.35 11.75 6.65
CA LYS A 191 3.65 11.26 5.46
C LYS A 191 3.87 9.75 5.35
N ARG A 192 2.79 8.99 5.47
CA ARG A 192 2.88 7.54 5.61
C ARG A 192 2.44 6.83 4.34
N VAL A 193 3.00 5.64 4.13
CA VAL A 193 2.63 4.76 3.03
C VAL A 193 2.52 3.35 3.60
N MET A 194 1.34 2.76 3.47
CA MET A 194 1.04 1.46 4.07
C MET A 194 0.94 0.42 2.95
N LEU A 195 1.89 -0.53 2.94
CA LEU A 195 1.95 -1.58 1.93
C LEU A 195 1.57 -2.89 2.59
N TYR A 196 0.36 -3.38 2.31
CA TYR A 196 -0.13 -4.63 2.85
C TYR A 196 -0.20 -5.69 1.76
N GLN A 197 0.08 -6.93 2.14
CA GLN A 197 -0.18 -8.09 1.29
C GLN A 197 0.46 -7.93 -0.09
N GLN A 198 1.73 -7.53 -0.09
CA GLN A 198 2.49 -7.37 -1.33
C GLN A 198 3.27 -8.62 -1.70
N GLY A 199 4.00 -9.19 -0.75
CA GLY A 199 4.80 -10.37 -1.02
C GLY A 199 6.29 -10.12 -0.86
N HIS A 201 8.69 -9.42 -2.81
CA HIS A 201 9.38 -8.43 -3.64
C HIS A 201 9.27 -7.04 -3.04
N ALA A 202 8.36 -6.87 -2.07
CA ALA A 202 8.08 -5.55 -1.53
C ALA A 202 9.28 -4.90 -0.85
N GLY A 203 10.36 -5.66 -0.61
CA GLY A 203 11.58 -5.03 -0.14
C GLY A 203 12.10 -4.00 -1.13
N GLY A 204 12.20 -4.39 -2.40
CA GLY A 204 12.59 -3.44 -3.43
C GLY A 204 11.53 -2.37 -3.66
N SER A 205 10.25 -2.72 -3.51
CA SER A 205 9.19 -1.73 -3.64
C SER A 205 9.38 -0.60 -2.63
N VAL A 206 9.57 -0.96 -1.35
CA VAL A 206 9.74 0.04 -0.31
C VAL A 206 10.88 0.99 -0.65
N LEU A 207 12.02 0.42 -1.06
CA LEU A 207 13.16 1.26 -1.42
C LEU A 207 12.86 2.10 -2.66
N ARG A 208 12.19 1.52 -3.66
CA ARG A 208 11.85 2.28 -4.86
C ARG A 208 10.93 3.45 -4.53
N ILE A 209 10.02 3.27 -3.57
CA ILE A 209 9.16 4.37 -3.17
C ILE A 209 9.94 5.39 -2.35
N ALA A 210 10.79 4.91 -1.44
CA ALA A 210 11.60 5.84 -0.63
C ALA A 210 12.53 6.66 -1.50
N LYS A 211 12.94 6.14 -2.66
CA LYS A 211 13.80 6.89 -3.55
C LYS A 211 13.12 8.18 -4.02
N ASP A 212 11.87 8.07 -4.47
CA ASP A 212 11.18 9.25 -5.00
C ASP A 212 10.83 10.23 -3.89
N LEU A 213 10.37 9.72 -2.74
CA LEU A 213 10.02 10.60 -1.63
C LEU A 213 11.23 11.39 -1.13
N ALA A 214 12.37 10.71 -0.98
CA ALA A 214 13.56 11.38 -0.48
C ALA A 214 14.14 12.33 -1.51
N GLU A 215 14.15 11.93 -2.78
CA GLU A 215 14.76 12.76 -3.82
C GLU A 215 13.87 13.92 -4.23
N ASN A 216 12.56 13.79 -4.11
CA ASN A 216 11.64 14.82 -4.57
C ASN A 216 11.37 15.90 -3.52
N ASN A 217 11.76 15.68 -2.27
CA ASN A 217 11.45 16.61 -1.17
C ASN A 217 12.73 16.99 -0.46
N LYS A 218 13.01 18.29 -0.40
CA LYS A 218 14.24 18.79 0.21
C LYS A 218 14.25 18.48 1.70
N GLY A 219 15.35 17.90 2.17
CA GLY A 219 15.50 17.62 3.58
C GLY A 219 14.66 16.48 4.10
N ALA A 220 13.93 15.79 3.24
CA ALA A 220 13.11 14.67 3.69
C ALA A 220 13.99 13.54 4.20
N ARG A 221 13.53 12.87 5.25
CA ARG A 221 14.19 11.70 5.82
C ARG A 221 13.14 10.60 5.95
N ILE A 222 13.21 9.62 5.06
CA ILE A 222 12.19 8.57 4.97
C ILE A 222 12.57 7.43 5.89
N LEU A 223 11.66 7.08 6.81
CA LEU A 223 11.78 5.90 7.65
C LEU A 223 11.03 4.75 6.98
N THR A 224 11.77 3.75 6.53
CA THR A 224 11.17 2.54 5.99
C THR A 224 11.13 1.47 7.06
N VAL A 225 10.03 0.72 7.09
CA VAL A 225 9.83 -0.35 8.07
C VAL A 225 9.18 -1.52 7.36
N ASN A 226 9.90 -2.64 7.28
CA ASN A 226 9.35 -3.90 6.82
C ASN A 226 9.29 -4.87 7.99
N SER A 227 8.11 -5.46 8.19
CA SER A 227 7.89 -6.38 9.30
C SER A 227 7.10 -7.57 8.78
N GLU A 228 7.67 -8.77 8.90
CA GLU A 228 7.06 -9.99 8.40
C GLU A 228 7.03 -11.02 9.51
N ILE A 229 5.83 -11.49 9.85
CA ILE A 229 5.64 -12.51 10.88
C ILE A 229 4.72 -13.58 10.31
N THR A 230 5.12 -14.84 10.45
CA THR A 230 4.42 -15.95 9.80
C THR A 230 3.20 -16.40 10.60
N ILE A 231 2.56 -15.48 11.33
CA ILE A 231 1.31 -15.80 11.99
C ILE A 231 0.22 -16.07 10.96
N GLY A 232 0.19 -15.28 9.89
CA GLY A 232 -0.87 -15.39 8.90
C GLY A 232 -0.71 -16.49 7.88
N ILE A 233 0.45 -17.15 7.83
CA ILE A 233 0.70 -18.22 6.88
C ILE A 233 0.95 -19.56 7.54
N PHE A 234 0.87 -19.64 8.87
CA PHE A 234 1.12 -20.89 9.56
C PHE A 234 -0.02 -21.88 9.30
N HIS A 235 0.34 -23.12 9.02
CA HIS A 235 -0.65 -24.18 8.77
C HIS A 235 -0.10 -25.49 9.28
N SER A 236 -1.00 -26.46 9.48
CA SER A 236 -0.62 -27.74 10.02
C SER A 236 -0.14 -28.69 8.91
N PRO A 237 0.51 -29.79 9.28
CA PRO A 237 0.99 -30.77 8.28
C PRO A 237 -0.03 -31.08 7.20
N ASP A 238 0.45 -31.68 6.11
CA ASP A 238 -0.23 -31.63 4.82
C ASP A 238 -1.05 -32.88 4.53
N GLU A 239 -2.19 -32.66 3.85
CA GLU A 239 -2.90 -33.68 3.08
C GLU A 239 -3.21 -33.00 1.74
N THR A 240 -2.19 -32.90 0.89
CA THR A 240 -2.21 -32.19 -0.39
C THR A 240 -2.02 -30.70 -0.24
N TYR A 241 -1.43 -30.24 0.88
CA TYR A 241 -0.98 -28.86 1.02
C TYR A 241 0.45 -28.88 1.56
N PHE A 242 1.39 -29.31 0.72
CA PHE A 242 2.80 -29.22 1.07
C PHE A 242 3.39 -27.87 0.70
N ASP A 243 2.70 -27.09 -0.16
CA ASP A 243 3.07 -25.69 -0.33
C ASP A 243 3.21 -25.02 1.03
N GLY A 244 2.30 -25.33 1.95
CA GLY A 244 2.48 -24.90 3.33
C GLY A 244 3.75 -25.49 3.93
N MET A 245 3.97 -26.79 3.72
CA MET A 245 5.20 -27.41 4.20
C MET A 245 6.42 -26.74 3.57
N VAL A 246 6.37 -26.50 2.25
CA VAL A 246 7.44 -25.72 1.62
C VAL A 246 7.52 -24.33 2.23
N GLY A 247 6.36 -23.77 2.61
CA GLY A 247 6.35 -22.49 3.30
C GLY A 247 6.68 -22.60 4.77
N GLN A 248 6.29 -23.70 5.41
CA GLN A 248 6.65 -23.90 6.82
C GLN A 248 8.15 -24.04 6.99
N ALA A 249 8.84 -24.58 6.00
CA ALA A 249 10.28 -24.78 6.10
C ALA A 249 11.09 -23.58 5.65
N LEU A 250 10.49 -22.67 4.89
CA LEU A 250 11.22 -21.60 4.23
C LEU A 250 11.09 -20.26 4.95
N PHE A 251 9.88 -19.88 5.33
CA PHE A 251 9.63 -18.54 5.85
C PHE A 251 10.00 -18.42 7.32
N GLY A 252 10.63 -17.29 7.66
CA GLY A 252 10.94 -16.98 9.04
C GLY A 252 10.52 -15.55 9.36
N ASP A 253 10.49 -15.24 10.65
CA ASP A 253 10.01 -13.96 11.13
C ASP A 253 11.16 -12.99 11.32
N GLY A 254 10.91 -11.72 11.03
CA GLY A 254 11.90 -10.69 11.23
C GLY A 254 11.33 -9.34 10.87
N ALA A 255 12.11 -8.30 11.17
CA ALA A 255 11.73 -6.93 10.84
C ALA A 255 12.99 -6.13 10.53
N SER A 256 12.83 -5.12 9.69
CA SER A 256 13.94 -4.29 9.25
C SER A 256 13.47 -2.84 9.14
N ALA A 257 14.44 -1.93 9.11
CA ALA A 257 14.14 -0.51 9.00
C ALA A 257 15.37 0.22 8.49
N THR A 258 15.15 1.24 7.66
CA THR A 258 16.23 2.07 7.15
C THR A 258 15.82 3.54 7.24
N ILE A 259 16.82 4.40 7.17
CA ILE A 259 16.62 5.84 6.99
C ILE A 259 17.17 6.19 5.61
N VAL A 260 16.30 6.71 4.75
CA VAL A 260 16.66 7.05 3.38
C VAL A 260 16.45 8.55 3.20
N GLY A 261 17.48 9.25 2.76
CA GLY A 261 17.39 10.67 2.53
C GLY A 261 18.40 11.14 1.52
N ALA A 262 18.04 12.17 0.76
CA ALA A 262 18.96 12.80 -0.17
C ALA A 262 19.73 13.90 0.55
N ASP A 263 20.76 14.42 -0.11
CA ASP A 263 21.60 15.48 0.43
C ASP A 263 22.14 15.12 1.81
N PRO A 264 22.91 14.04 1.92
CA PRO A 264 23.43 13.64 3.23
C PRO A 264 24.35 14.71 3.80
N ASP A 265 24.27 14.89 5.12
CA ASP A 265 24.96 15.99 5.80
C ASP A 265 25.96 15.40 6.78
N LYS A 266 27.24 15.42 6.40
CA LYS A 266 28.28 14.91 7.29
C LYS A 266 28.56 15.88 8.44
N GLU A 267 28.31 17.18 8.22
CA GLU A 267 28.64 18.17 9.25
C GLU A 267 27.94 17.87 10.56
N ILE A 268 26.77 17.23 10.50
CA ILE A 268 26.10 16.76 11.71
C ILE A 268 26.41 15.30 12.02
N GLY A 269 26.89 14.53 11.06
CA GLY A 269 27.26 13.15 11.32
C GLY A 269 26.49 12.12 10.52
N GLU A 270 25.84 12.55 9.44
CA GLU A 270 25.15 11.63 8.56
C GLU A 270 26.16 10.95 7.63
N ARG A 271 26.12 9.62 7.60
CA ARG A 271 27.04 8.85 6.77
C ARG A 271 26.26 8.01 5.78
N PRO A 272 26.27 8.36 4.49
CA PRO A 272 25.51 7.56 3.51
C PRO A 272 26.16 6.21 3.29
N ILE A 273 25.32 5.17 3.24
CA ILE A 273 25.79 3.81 3.07
C ILE A 273 25.81 3.49 1.58
N PHE A 274 24.64 3.49 0.95
CA PHE A 274 24.52 3.28 -0.48
C PHE A 274 23.71 4.40 -1.10
N GLU A 275 23.96 4.65 -2.38
CA GLU A 275 23.18 5.59 -3.17
C GLU A 275 22.33 4.81 -4.15
N MET A 276 21.03 5.12 -4.19
CA MET A 276 20.14 4.48 -5.16
C MET A 276 20.22 5.26 -6.47
N VAL A 277 20.56 4.55 -7.54
CA VAL A 277 20.74 5.16 -8.85
C VAL A 277 19.51 4.97 -9.74
N SER A 278 18.88 3.81 -9.66
CA SER A 278 17.68 3.54 -10.44
C SER A 278 16.91 2.42 -9.77
N ALA A 279 15.57 2.49 -9.87
CA ALA A 279 14.68 1.50 -9.31
C ALA A 279 13.66 1.12 -10.37
N ALA A 280 13.67 -0.13 -10.80
CA ALA A 280 12.75 -0.63 -11.80
C ALA A 280 11.86 -1.71 -11.21
N GLN A 281 10.77 -1.99 -11.91
CA GLN A 281 9.87 -3.08 -11.53
C GLN A 281 9.21 -3.62 -12.77
N GLU A 282 9.18 -4.94 -12.90
CA GLU A 282 8.47 -5.61 -13.98
C GLU A 282 7.83 -6.88 -13.43
N PHE A 283 6.73 -7.28 -14.05
CA PHE A 283 6.09 -8.56 -13.74
C PHE A 283 6.37 -9.55 -14.87
N ILE A 284 6.67 -10.78 -14.50
CA ILE A 284 6.97 -11.82 -15.49
C ILE A 284 5.70 -12.12 -16.26
N PRO A 285 5.69 -11.88 -17.57
CA PRO A 285 4.43 -11.87 -18.35
C PRO A 285 3.46 -13.01 -18.06
N ASN A 286 3.94 -14.25 -18.07
CA ASN A 286 3.06 -15.41 -18.16
C ASN A 286 2.86 -16.12 -16.82
N SER A 287 3.20 -15.48 -15.70
CA SER A 287 3.23 -16.19 -14.43
C SER A 287 2.32 -15.57 -13.38
N ASP A 288 1.07 -15.30 -13.74
CA ASP A 288 0.14 -14.78 -12.73
C ASP A 288 -0.13 -15.80 -11.63
N GLY A 289 0.00 -17.09 -11.93
CA GLY A 289 -0.30 -18.13 -10.98
C GLY A 289 0.90 -18.90 -10.48
N ALA A 290 2.10 -18.49 -10.89
CA ALA A 290 3.32 -19.15 -10.41
C ALA A 290 3.43 -19.05 -8.89
N VAL A 291 3.37 -17.83 -8.36
CA VAL A 291 3.31 -17.58 -6.92
C VAL A 291 2.10 -16.70 -6.67
N ASP A 292 1.10 -17.25 -5.99
CA ASP A 292 -0.09 -16.51 -5.62
C ASP A 292 -0.37 -16.71 -4.14
N GLY A 293 -1.10 -15.74 -3.57
CA GLY A 293 -1.52 -15.81 -2.20
C GLY A 293 -2.94 -15.31 -2.04
N HIS A 294 -3.80 -16.10 -1.40
CA HIS A 294 -5.21 -15.78 -1.26
C HIS A 294 -5.57 -15.74 0.21
N LEU A 295 -6.03 -14.58 0.69
CA LEU A 295 -6.43 -14.43 2.08
C LEU A 295 -7.79 -15.09 2.27
N THR A 296 -7.83 -16.16 3.06
CA THR A 296 -9.04 -16.90 3.33
C THR A 296 -9.45 -16.73 4.79
N GLU A 297 -10.51 -17.44 5.18
CA GLU A 297 -10.95 -17.44 6.56
C GLU A 297 -10.05 -18.31 7.45
N ALA A 298 -9.29 -19.23 6.86
CA ALA A 298 -8.32 -20.04 7.56
C ALA A 298 -6.90 -19.48 7.42
N GLY A 299 -6.78 -18.18 7.18
CA GLY A 299 -5.48 -17.57 7.00
C GLY A 299 -5.08 -17.43 5.55
N LEU A 300 -3.82 -17.10 5.36
CA LEU A 300 -3.28 -16.92 4.01
C LEU A 300 -2.88 -18.26 3.42
N VAL A 301 -3.42 -18.57 2.24
CA VAL A 301 -3.09 -19.79 1.52
C VAL A 301 -2.22 -19.40 0.34
N TYR A 302 -0.97 -19.86 0.34
CA TYR A 302 0.01 -19.53 -0.68
C TYR A 302 0.24 -20.72 -1.60
N HIS A 303 0.73 -20.43 -2.80
CA HIS A 303 1.05 -21.43 -3.80
C HIS A 303 2.35 -21.02 -4.49
N ILE A 304 3.37 -21.86 -4.39
CA ILE A 304 4.66 -21.59 -5.02
C ILE A 304 4.95 -22.77 -5.96
N HIS A 305 4.89 -22.51 -7.26
CA HIS A 305 5.12 -23.55 -8.25
C HIS A 305 6.61 -23.75 -8.48
N LYS A 306 6.93 -24.83 -9.21
CA LYS A 306 8.32 -25.21 -9.45
C LYS A 306 8.90 -24.63 -10.73
N ASP A 307 8.18 -23.73 -11.39
CA ASP A 307 8.73 -22.99 -12.52
C ASP A 307 9.31 -21.65 -12.11
N VAL A 308 9.18 -21.26 -10.84
CA VAL A 308 9.70 -19.96 -10.39
C VAL A 308 11.19 -19.84 -10.64
N PRO A 309 12.04 -20.82 -10.29
CA PRO A 309 13.47 -20.69 -10.63
C PRO A 309 13.70 -20.57 -12.13
N GLY A 310 12.99 -21.36 -12.93
CA GLY A 310 13.17 -21.28 -14.37
C GLY A 310 12.65 -19.98 -14.96
N LEU A 311 11.52 -19.47 -14.43
CA LEU A 311 10.96 -18.24 -14.95
C LEU A 311 11.83 -17.04 -14.59
N ILE A 312 12.39 -17.01 -13.38
CA ILE A 312 13.27 -15.91 -12.99
C ILE A 312 14.56 -15.95 -13.79
N SER A 313 15.22 -17.11 -13.81
CA SER A 313 16.51 -17.22 -14.48
C SER A 313 16.42 -16.89 -15.96
N LYS A 314 15.38 -17.39 -16.63
CA LYS A 314 15.22 -17.10 -18.05
C LYS A 314 14.86 -15.66 -18.32
N ASN A 315 14.29 -14.95 -17.35
CA ASN A 315 13.83 -13.57 -17.55
C ASN A 315 14.50 -12.60 -16.59
N ILE A 316 15.62 -12.98 -15.98
CA ILE A 316 16.33 -12.07 -15.09
C ILE A 316 17.32 -11.19 -15.85
N GLU A 317 17.91 -11.71 -16.93
CA GLU A 317 18.91 -10.95 -17.68
C GLU A 317 18.32 -9.71 -18.33
N LYS A 318 17.01 -9.72 -18.62
CA LYS A 318 16.39 -8.57 -19.28
C LYS A 318 16.53 -7.31 -18.43
N SER A 319 16.06 -7.37 -17.17
CA SER A 319 16.12 -6.21 -16.31
C SER A 319 17.56 -5.80 -15.98
N LEU A 320 18.52 -6.71 -16.10
CA LEU A 320 19.90 -6.37 -15.82
C LEU A 320 20.51 -5.55 -16.95
N VAL A 321 20.33 -6.00 -18.20
CA VAL A 321 20.87 -5.28 -19.34
C VAL A 321 20.31 -3.86 -19.40
N GLU A 322 19.03 -3.70 -19.08
CA GLU A 322 18.42 -2.38 -19.07
C GLU A 322 19.03 -1.50 -17.99
N ALA A 323 19.16 -2.05 -16.77
CA ALA A 323 19.69 -1.29 -15.65
C ALA A 323 21.20 -1.14 -15.74
N SER A 330 27.46 -5.16 -18.95
CA SER A 330 28.35 -5.05 -17.79
C SER A 330 28.68 -6.43 -17.25
N ASP A 331 29.91 -6.58 -16.76
CA ASP A 331 30.36 -7.86 -16.20
C ASP A 331 29.69 -8.08 -14.85
N TRP A 332 28.95 -9.19 -14.73
CA TRP A 332 28.17 -9.42 -13.53
C TRP A 332 29.04 -9.66 -12.30
N ASN A 333 30.24 -10.19 -12.48
CA ASN A 333 31.13 -10.45 -11.36
C ASN A 333 31.89 -9.22 -10.89
N SER A 334 31.75 -8.08 -11.59
CA SER A 334 32.31 -6.82 -11.14
C SER A 334 31.29 -5.98 -10.38
N LEU A 335 30.23 -6.61 -9.87
CA LEU A 335 29.21 -5.95 -9.07
C LEU A 335 29.02 -6.72 -7.77
N PHE A 336 28.50 -6.03 -6.77
CA PHE A 336 28.01 -6.70 -5.57
C PHE A 336 26.50 -6.93 -5.70
N TRP A 337 26.02 -7.99 -5.05
CA TRP A 337 24.67 -8.48 -5.28
C TRP A 337 23.91 -8.63 -3.97
N ILE A 338 22.70 -8.11 -3.94
CA ILE A 338 21.76 -8.30 -2.84
C ILE A 338 20.52 -8.92 -3.45
N VAL A 339 20.46 -10.24 -3.46
CA VAL A 339 19.35 -10.98 -4.06
C VAL A 339 18.42 -11.45 -2.96
N HIS A 340 17.13 -11.32 -3.20
CA HIS A 340 16.15 -11.80 -2.25
C HIS A 340 16.24 -13.32 -2.13
N PRO A 341 16.54 -13.86 -0.95
CA PRO A 341 16.75 -15.31 -0.80
C PRO A 341 15.45 -16.11 -0.72
N GLY A 342 14.63 -16.02 -1.77
CA GLY A 342 13.38 -16.75 -1.79
C GLY A 342 13.53 -18.24 -1.67
N GLY A 343 14.73 -18.76 -1.91
CA GLY A 343 14.98 -20.18 -1.86
C GLY A 343 16.28 -20.52 -2.57
N PRO A 344 16.89 -21.66 -2.21
CA PRO A 344 18.16 -22.02 -2.86
C PRO A 344 18.00 -22.32 -4.34
N ALA A 345 16.86 -22.87 -4.76
CA ALA A 345 16.63 -23.09 -6.19
C ALA A 345 16.63 -21.78 -6.96
N ILE A 346 16.02 -20.74 -6.39
CA ILE A 346 16.03 -19.43 -7.03
C ILE A 346 17.44 -18.85 -7.04
N LEU A 347 18.17 -19.03 -5.94
CA LEU A 347 19.53 -18.47 -5.86
C LEU A 347 20.46 -19.16 -6.86
N ASN A 348 20.32 -20.47 -7.02
CA ASN A 348 21.17 -21.18 -7.97
C ASN A 348 20.83 -20.81 -9.41
N ALA A 349 19.53 -20.70 -9.73
CA ALA A 349 19.13 -20.31 -11.07
C ALA A 349 19.64 -18.92 -11.43
N VAL A 350 19.63 -17.99 -10.46
CA VAL A 350 20.17 -16.67 -10.69
C VAL A 350 21.70 -16.72 -10.77
N GLU A 351 22.32 -17.46 -9.85
CA GLU A 351 23.77 -17.57 -9.85
C GLU A 351 24.30 -18.25 -11.10
N ALA A 352 23.52 -19.17 -11.69
CA ALA A 352 23.98 -19.88 -12.88
C ALA A 352 23.74 -19.08 -14.15
N LYS A 353 22.60 -18.38 -14.23
CA LYS A 353 22.28 -17.64 -15.46
C LYS A 353 23.23 -16.47 -15.67
N LEU A 354 23.70 -15.84 -14.59
CA LEU A 354 24.61 -14.71 -14.69
C LEU A 354 26.08 -15.12 -14.60
N HIS A 355 26.36 -16.40 -14.37
CA HIS A 355 27.72 -16.91 -14.26
C HIS A 355 28.50 -16.17 -13.16
N LEU A 356 27.94 -16.24 -11.95
CA LEU A 356 28.51 -15.61 -10.77
C LEU A 356 29.23 -16.64 -9.93
N LYS A 357 30.44 -16.32 -9.50
CA LYS A 357 31.15 -17.20 -8.58
C LYS A 357 30.47 -17.15 -7.21
N LYS A 358 30.70 -18.22 -6.43
CA LYS A 358 30.01 -18.36 -5.13
C LYS A 358 30.18 -17.12 -4.26
N GLU A 359 31.29 -16.40 -4.42
CA GLU A 359 31.55 -15.21 -3.61
C GLU A 359 30.38 -14.24 -3.62
N LYS A 360 29.69 -14.11 -4.74
CA LYS A 360 28.68 -13.07 -4.89
C LYS A 360 27.46 -13.30 -4.01
N MET A 361 27.12 -14.55 -3.73
CA MET A 361 25.91 -14.88 -2.99
C MET A 361 26.17 -15.14 -1.50
N ALA A 362 27.39 -14.89 -1.03
CA ALA A 362 27.74 -15.22 0.35
C ALA A 362 26.85 -14.50 1.34
N ASP A 363 26.70 -13.18 1.18
CA ASP A 363 25.83 -12.43 2.08
C ASP A 363 24.39 -12.91 1.99
N THR A 364 23.92 -13.16 0.76
CA THR A 364 22.53 -13.61 0.59
C THR A 364 22.31 -14.97 1.24
N ARG A 365 23.14 -15.95 0.89
CA ARG A 365 22.97 -17.29 1.43
C ARG A 365 23.25 -17.36 2.92
N TYR A 366 23.99 -16.40 3.48
CA TYR A 366 24.16 -16.35 4.93
C TYR A 366 22.86 -15.95 5.61
N VAL A 367 22.17 -14.94 5.07
CA VAL A 367 20.89 -14.51 5.64
C VAL A 367 19.87 -15.64 5.54
N LEU A 368 19.83 -16.34 4.41
CA LEU A 368 18.90 -17.45 4.27
C LEU A 368 19.20 -18.56 5.28
N SER A 369 20.48 -18.77 5.59
CA SER A 369 20.85 -19.83 6.51
C SER A 369 20.51 -19.47 7.95
N GLU A 370 20.72 -18.21 8.33
CA GLU A 370 20.61 -17.81 9.72
C GLU A 370 19.24 -17.28 10.11
N TYR A 371 18.40 -16.93 9.13
CA TYR A 371 17.06 -16.44 9.43
C TYR A 371 15.98 -17.01 8.52
N GLY A 372 16.33 -17.74 7.47
CA GLY A 372 15.34 -18.20 6.52
C GLY A 372 14.91 -17.09 5.58
N ASN A 373 13.82 -17.35 4.88
CA ASN A 373 13.21 -16.37 3.99
C ASN A 373 12.25 -15.51 4.81
N MET A 374 12.60 -14.24 5.01
CA MET A 374 11.80 -13.32 5.80
C MET A 374 10.96 -12.40 4.93
N SER A 375 10.63 -12.83 3.71
CA SER A 375 9.77 -12.06 2.80
C SER A 375 10.46 -10.73 2.50
N SER A 376 9.72 -9.62 2.52
CA SER A 376 10.29 -8.34 2.10
C SER A 376 11.42 -7.86 3.00
N VAL A 377 11.57 -8.46 4.19
CA VAL A 377 12.61 -8.01 5.11
C VAL A 377 13.98 -8.54 4.74
N SER A 378 14.04 -9.64 3.97
CA SER A 378 15.29 -10.36 3.79
C SER A 378 16.38 -9.48 3.18
N ILE A 379 16.06 -8.72 2.13
CA ILE A 379 17.10 -7.96 1.44
C ILE A 379 17.71 -6.88 2.32
N PHE A 380 17.00 -6.43 3.36
CA PHE A 380 17.58 -5.45 4.27
C PHE A 380 18.62 -6.09 5.18
N PHE A 381 18.36 -7.31 5.63
CA PHE A 381 19.38 -8.06 6.36
C PHE A 381 20.63 -8.25 5.51
N ILE A 382 20.46 -8.63 4.25
CA ILE A 382 21.61 -8.87 3.38
C ILE A 382 22.38 -7.56 3.16
N MET A 383 21.66 -6.49 2.84
CA MET A 383 22.31 -5.19 2.69
C MET A 383 23.04 -4.79 3.96
N ASP A 384 22.45 -5.06 5.12
CA ASP A 384 23.07 -4.67 6.38
C ASP A 384 24.38 -5.41 6.61
N LYS A 385 24.40 -6.72 6.32
CA LYS A 385 25.62 -7.48 6.53
C LYS A 385 26.71 -7.06 5.55
N LEU A 386 26.34 -6.88 4.27
CA LEU A 386 27.32 -6.48 3.26
C LEU A 386 28.05 -5.20 3.66
N ARG A 387 27.31 -4.20 4.14
CA ARG A 387 27.93 -2.92 4.47
C ARG A 387 28.69 -2.97 5.79
N LYS A 388 28.18 -3.71 6.78
CA LYS A 388 28.94 -3.88 8.02
C LYS A 388 30.22 -4.66 7.77
N ARG A 389 30.14 -5.74 6.99
CA ARG A 389 31.31 -6.55 6.70
C ARG A 389 32.33 -5.77 5.86
N SER A 390 31.85 -4.91 4.96
CA SER A 390 32.77 -4.07 4.18
C SER A 390 33.42 -3.01 5.05
N LEU A 391 32.64 -2.37 5.91
CA LEU A 391 33.20 -1.40 6.84
C LEU A 391 34.14 -2.06 7.84
N GLU A 392 33.86 -3.31 8.23
CA GLU A 392 34.72 -4.00 9.18
C GLU A 392 36.01 -4.48 8.52
N GLU A 393 35.91 -5.05 7.31
CA GLU A 393 37.10 -5.53 6.61
C GLU A 393 37.96 -4.40 6.07
N GLY A 394 37.50 -3.15 6.15
CA GLY A 394 38.26 -2.06 5.59
C GLY A 394 38.28 -2.04 4.08
N LYS A 395 37.22 -2.48 3.43
CA LYS A 395 37.17 -2.50 1.98
C LYS A 395 37.16 -1.09 1.42
N SER A 396 37.42 -0.98 0.12
CA SER A 396 37.51 0.33 -0.50
C SER A 396 36.16 1.05 -0.52
N THR A 397 35.06 0.29 -0.61
CA THR A 397 33.72 0.85 -0.62
C THR A 397 32.84 0.06 0.32
N THR A 398 31.64 0.61 0.58
CA THR A 398 30.66 -0.07 1.41
C THR A 398 30.07 -1.30 0.73
N GLY A 399 30.32 -1.47 -0.57
CA GLY A 399 29.83 -2.62 -1.29
C GLY A 399 30.90 -3.64 -1.60
N ASP A 400 31.57 -4.14 -0.55
CA ASP A 400 32.56 -5.20 -0.69
C ASP A 400 33.69 -4.81 -1.63
N GLY A 401 34.06 -3.53 -1.65
CA GLY A 401 35.11 -3.04 -2.52
C GLY A 401 34.66 -2.62 -3.90
N PHE A 402 33.52 -3.12 -4.36
CA PHE A 402 33.02 -2.72 -5.66
C PHE A 402 32.27 -1.39 -5.57
N GLU A 403 32.12 -0.73 -6.71
CA GLU A 403 31.47 0.57 -6.76
C GLU A 403 30.03 0.51 -7.23
N TRP A 404 29.63 -0.58 -7.88
CA TRP A 404 28.28 -0.72 -8.42
C TRP A 404 27.66 -2.04 -7.97
N GLY A 405 26.36 -2.03 -7.75
CA GLY A 405 25.66 -3.21 -7.26
C GLY A 405 24.23 -3.25 -7.74
N VAL A 406 23.59 -4.40 -7.49
CA VAL A 406 22.23 -4.67 -7.95
C VAL A 406 21.48 -5.41 -6.84
N LEU A 407 20.26 -4.95 -6.55
CA LEU A 407 19.40 -5.55 -5.54
C LEU A 407 18.15 -6.11 -6.18
N PHE A 408 17.72 -7.28 -5.71
CA PHE A 408 16.63 -8.02 -6.33
C PHE A 408 15.50 -8.29 -5.35
N GLY A 409 14.28 -8.15 -5.83
CA GLY A 409 13.11 -8.65 -5.11
C GLY A 409 12.28 -9.53 -6.00
N PHE A 410 11.77 -10.62 -5.44
CA PHE A 410 10.99 -11.60 -6.17
C PHE A 410 9.73 -11.91 -5.38
N GLY A 411 8.57 -11.82 -6.03
CA GLY A 411 7.31 -12.07 -5.37
C GLY A 411 6.19 -12.38 -6.33
N PRO A 412 4.95 -12.33 -5.83
CA PRO A 412 3.80 -12.64 -6.69
C PRO A 412 3.81 -11.78 -7.95
N GLY A 413 3.40 -12.40 -9.07
CA GLY A 413 3.37 -11.68 -10.33
C GLY A 413 3.53 -12.58 -11.54
N LEU A 414 4.73 -13.13 -11.74
CA LEU A 414 5.85 -12.91 -10.85
C LEU A 414 6.44 -11.52 -11.02
N THR A 415 6.73 -10.86 -9.90
CA THR A 415 7.27 -9.50 -9.90
C THR A 415 8.76 -9.54 -9.56
N VAL A 416 9.54 -8.77 -10.31
CA VAL A 416 10.99 -8.65 -10.09
C VAL A 416 11.28 -7.17 -9.86
N GLU A 417 11.81 -6.84 -8.69
CA GLU A 417 12.26 -5.49 -8.37
C GLU A 417 13.77 -5.43 -8.56
N THR A 418 14.24 -4.44 -9.34
CA THR A 418 15.65 -4.30 -9.66
C THR A 418 16.09 -2.90 -9.30
N ILE A 419 17.02 -2.79 -8.34
CA ILE A 419 17.53 -1.51 -7.87
C ILE A 419 19.04 -1.49 -8.06
N VAL A 420 19.53 -0.46 -8.73
CA VAL A 420 20.97 -0.28 -8.95
C VAL A 420 21.52 0.60 -7.84
N LEU A 421 22.50 0.07 -7.11
CA LEU A 421 23.07 0.75 -5.95
C LEU A 421 24.48 1.23 -6.26
N HIS A 422 24.89 2.28 -5.55
CA HIS A 422 26.21 2.87 -5.73
C HIS A 422 26.91 2.88 -4.36
N ALA A 423 27.88 1.99 -4.19
CA ALA A 423 28.62 1.93 -2.94
C ALA A 423 29.42 3.20 -2.73
N LEU A 424 29.72 3.49 -1.46
CA LEU A 424 30.39 4.71 -1.07
C LEU A 424 31.61 4.37 -0.20
N GLN A 425 32.41 5.40 0.07
CA GLN A 425 33.69 5.17 0.74
C GLN A 425 33.51 4.83 2.21
N THR A 426 34.56 4.25 2.79
CA THR A 426 34.61 3.92 4.20
C THR A 426 35.51 4.95 4.87
N SER A 427 34.93 6.10 5.22
CA SER A 427 35.68 7.20 5.79
C SER A 427 36.78 7.66 4.83
N VAL B 40 26.92 9.87 -10.63
CA VAL B 40 25.54 9.52 -10.30
C VAL B 40 24.68 10.78 -10.19
N ASP B 41 25.29 11.88 -9.73
CA ASP B 41 24.54 13.12 -9.60
C ASP B 41 24.09 13.66 -10.95
N GLN B 42 24.83 13.34 -12.02
CA GLN B 42 24.40 13.73 -13.36
C GLN B 42 23.22 12.87 -13.82
N ILE B 43 23.25 11.58 -13.50
CA ILE B 43 22.11 10.72 -13.79
C ILE B 43 20.88 11.22 -13.03
N ARG B 44 21.09 11.74 -11.82
CA ARG B 44 19.98 12.23 -11.01
C ARG B 44 19.30 13.43 -11.67
N LYS B 45 20.09 14.43 -12.06
CA LYS B 45 19.50 15.62 -12.68
C LYS B 45 18.86 15.29 -14.02
N ALA B 46 19.44 14.36 -14.77
CA ALA B 46 18.96 14.04 -16.11
C ALA B 46 17.70 13.17 -16.09
N GLN B 47 17.48 12.41 -15.02
CA GLN B 47 16.28 11.59 -14.89
C GLN B 47 15.22 12.26 -14.03
N ARG B 48 15.35 13.56 -13.78
CA ARG B 48 14.43 14.30 -12.92
C ARG B 48 13.51 15.17 -13.76
N ALA B 49 12.23 15.19 -13.40
CA ALA B 49 11.27 16.06 -14.05
C ALA B 49 11.51 17.52 -13.63
N ASN B 50 10.92 18.44 -14.39
CA ASN B 50 11.12 19.87 -14.17
C ASN B 50 9.99 20.50 -13.38
N GLY B 51 8.78 20.54 -13.93
CA GLY B 51 7.68 21.23 -13.31
C GLY B 51 6.98 20.43 -12.24
N PRO B 52 5.79 20.88 -11.84
CA PRO B 52 5.01 20.16 -10.83
C PRO B 52 4.17 19.04 -11.44
N ALA B 53 3.81 18.10 -10.59
CA ALA B 53 2.91 17.03 -11.01
C ALA B 53 1.55 17.60 -11.37
N THR B 54 1.03 17.21 -12.54
CA THR B 54 -0.20 17.77 -13.07
C THR B 54 -1.18 16.67 -13.41
N VAL B 55 -2.46 16.91 -13.10
CA VAL B 55 -3.53 16.00 -13.50
C VAL B 55 -3.88 16.29 -14.95
N LEU B 56 -3.71 15.29 -15.82
CA LEU B 56 -3.91 15.46 -17.25
C LEU B 56 -5.19 14.84 -17.75
N ALA B 57 -5.87 14.04 -16.94
CA ALA B 57 -7.11 13.38 -17.34
C ALA B 57 -7.73 12.73 -16.12
N ILE B 58 -9.06 12.64 -16.13
CA ILE B 58 -9.81 11.99 -15.05
C ILE B 58 -10.88 11.11 -15.69
N GLY B 59 -10.97 9.88 -15.23
CA GLY B 59 -12.00 8.97 -15.71
C GLY B 59 -12.69 8.29 -14.55
N THR B 60 -14.02 8.22 -14.62
CA THR B 60 -14.83 7.66 -13.55
C THR B 60 -15.70 6.53 -14.08
N ALA B 61 -16.10 5.65 -13.17
CA ALA B 61 -16.92 4.50 -13.51
C ALA B 61 -17.67 4.05 -12.28
N ASN B 62 -18.85 3.46 -12.50
CA ASN B 62 -19.69 2.94 -11.44
C ASN B 62 -20.36 1.67 -11.94
N PRO B 63 -20.73 0.77 -11.03
CA PRO B 63 -21.59 -0.35 -11.40
C PRO B 63 -22.90 0.15 -11.98
N PRO B 64 -23.38 -0.45 -13.07
CA PRO B 64 -24.53 0.14 -13.77
C PRO B 64 -25.79 0.24 -12.92
N THR B 65 -26.10 -0.78 -12.15
CA THR B 65 -27.36 -0.79 -11.41
C THR B 65 -27.38 0.33 -10.37
N SER B 66 -28.29 1.28 -10.55
CA SER B 66 -28.43 2.40 -9.63
C SER B 66 -29.51 2.09 -8.58
N PHE B 67 -29.27 2.59 -7.37
CA PHE B 67 -30.19 2.38 -6.25
C PHE B 67 -30.45 3.73 -5.59
N TYR B 68 -31.70 4.18 -5.62
CA TYR B 68 -32.06 5.47 -5.07
C TYR B 68 -32.39 5.34 -3.58
N GLN B 69 -31.99 6.36 -2.81
CA GLN B 69 -32.00 6.23 -1.35
C GLN B 69 -33.41 6.05 -0.80
N ALA B 70 -34.40 6.69 -1.42
CA ALA B 70 -35.78 6.54 -0.94
C ALA B 70 -36.30 5.11 -1.17
N ASP B 71 -35.79 4.43 -2.20
CA ASP B 71 -36.20 3.07 -2.51
C ASP B 71 -35.24 2.02 -1.96
N TYR B 72 -34.11 2.44 -1.38
CA TYR B 72 -33.10 1.50 -0.92
C TYR B 72 -33.59 0.68 0.27
N PRO B 73 -34.31 1.28 1.23
CA PRO B 73 -34.84 0.46 2.34
C PRO B 73 -35.74 -0.67 1.88
N ASP B 74 -36.63 -0.41 0.92
CA ASP B 74 -37.48 -1.48 0.40
C ASP B 74 -36.64 -2.59 -0.23
N PHE B 75 -35.59 -2.21 -0.97
CA PHE B 75 -34.72 -3.18 -1.60
C PHE B 75 -33.79 -3.84 -0.59
N TYR B 76 -33.14 -3.04 0.25
CA TYR B 76 -32.16 -3.58 1.19
C TYR B 76 -32.80 -4.55 2.17
N PHE B 77 -34.06 -4.34 2.53
CA PHE B 77 -34.75 -5.24 3.45
C PHE B 77 -35.46 -6.39 2.75
N ARG B 78 -35.65 -6.30 1.43
CA ARG B 78 -36.21 -7.43 0.69
C ARG B 78 -35.14 -8.48 0.41
N VAL B 79 -33.97 -8.04 -0.06
CA VAL B 79 -32.91 -8.99 -0.40
C VAL B 79 -32.43 -9.74 0.85
N THR B 80 -32.41 -9.07 1.99
CA THR B 80 -32.00 -9.69 3.24
C THR B 80 -33.15 -10.42 3.93
N LYS B 81 -34.27 -10.62 3.22
CA LYS B 81 -35.40 -11.40 3.74
C LYS B 81 -35.96 -10.78 5.02
N ASN B 82 -35.96 -9.46 5.07
CA ASN B 82 -36.43 -8.71 6.23
C ASN B 82 -37.54 -7.73 5.84
N GLN B 83 -38.41 -8.14 4.92
CA GLN B 83 -39.53 -7.28 4.53
C GLN B 83 -40.52 -7.08 5.67
N HIS B 84 -40.52 -7.98 6.66
CA HIS B 84 -41.49 -7.88 7.74
C HIS B 84 -41.14 -6.76 8.72
N MET B 85 -39.84 -6.55 8.96
CA MET B 85 -39.40 -5.57 9.94
C MET B 85 -39.83 -4.15 9.57
N THR B 86 -41.08 -3.79 9.88
CA THR B 86 -41.55 -2.45 9.53
C THR B 86 -40.86 -1.38 10.36
N GLU B 87 -40.67 -1.62 11.66
CA GLU B 87 -40.01 -0.62 12.50
C GLU B 87 -38.52 -0.53 12.21
N LEU B 88 -37.88 -1.67 11.95
CA LEU B 88 -36.48 -1.65 11.53
C LEU B 88 -36.33 -0.93 10.20
N LYS B 89 -37.21 -1.23 9.25
CA LYS B 89 -37.13 -0.60 7.93
C LYS B 89 -37.36 0.91 8.02
N ASP B 90 -38.26 1.34 8.90
CA ASP B 90 -38.47 2.78 9.09
C ASP B 90 -37.26 3.42 9.75
N LYS B 91 -36.65 2.73 10.72
CA LYS B 91 -35.43 3.25 11.33
C LYS B 91 -34.32 3.40 10.30
N PHE B 92 -34.24 2.47 9.34
CA PHE B 92 -33.23 2.55 8.30
C PHE B 92 -33.55 3.66 7.30
N LYS B 93 -34.83 3.87 7.01
CA LYS B 93 -35.24 5.01 6.20
C LYS B 93 -34.75 6.32 6.80
N ARG B 94 -34.93 6.49 8.11
CA ARG B 94 -34.49 7.70 8.79
C ARG B 94 -33.00 7.93 8.57
N ILE B 95 -32.19 6.89 8.74
CA ILE B 95 -30.76 7.01 8.52
C ILE B 95 -30.48 7.36 7.07
N CYS B 96 -31.16 6.69 6.13
CA CYS B 96 -30.95 6.97 4.71
C CYS B 96 -31.36 8.39 4.36
N GLU B 97 -32.40 8.92 5.00
CA GLU B 97 -32.81 10.30 4.74
C GLU B 97 -31.77 11.29 5.26
N LYS B 98 -31.21 11.02 6.45
CA LYS B 98 -30.24 11.94 7.03
C LYS B 98 -28.94 11.99 6.25
N THR B 99 -28.66 10.97 5.42
CA THR B 99 -27.43 10.98 4.61
C THR B 99 -27.47 12.05 3.54
N THR B 100 -28.65 12.59 3.23
CA THR B 100 -28.83 13.53 2.12
C THR B 100 -28.36 12.93 0.79
N ILE B 101 -28.31 11.61 0.71
CA ILE B 101 -27.95 10.93 -0.53
C ILE B 101 -29.22 10.67 -1.33
N LYS B 102 -29.13 10.84 -2.65
CA LYS B 102 -30.26 10.59 -3.53
C LYS B 102 -30.16 9.26 -4.24
N LYS B 103 -28.97 8.84 -4.66
CA LYS B 103 -28.81 7.53 -5.26
C LYS B 103 -27.35 7.08 -5.13
N ARG B 104 -27.17 5.77 -5.02
CA ARG B 104 -25.87 5.13 -5.03
C ARG B 104 -25.85 4.07 -6.11
N HIS B 105 -24.70 3.91 -6.76
CA HIS B 105 -24.49 2.85 -7.74
C HIS B 105 -23.85 1.67 -7.03
N LEU B 106 -24.57 0.56 -6.94
CA LEU B 106 -24.15 -0.61 -6.18
C LEU B 106 -23.93 -1.80 -7.10
N TYR B 107 -22.88 -2.56 -6.82
CA TYR B 107 -22.63 -3.80 -7.54
C TYR B 107 -23.52 -4.92 -7.01
N LEU B 108 -23.75 -4.97 -5.70
CA LEU B 108 -24.57 -6.02 -5.10
C LEU B 108 -26.04 -5.85 -5.46
N THR B 109 -26.47 -6.49 -6.54
CA THR B 109 -27.86 -6.44 -6.95
C THR B 109 -28.64 -7.59 -6.30
N GLU B 110 -29.93 -7.67 -6.62
CA GLU B 110 -30.76 -8.76 -6.10
C GLU B 110 -30.27 -10.11 -6.62
N ASP B 111 -29.92 -10.17 -7.91
CA ASP B 111 -29.40 -11.42 -8.47
C ASP B 111 -28.04 -11.76 -7.89
N ARG B 112 -27.20 -10.75 -7.67
CA ARG B 112 -25.88 -11.00 -7.10
C ARG B 112 -25.99 -11.53 -5.67
N LEU B 113 -26.77 -10.86 -4.82
CA LEU B 113 -26.92 -11.31 -3.45
C LEU B 113 -27.60 -12.66 -3.36
N ASN B 114 -28.42 -13.01 -4.35
CA ASN B 114 -29.02 -14.34 -4.40
C ASN B 114 -28.06 -15.40 -4.90
N GLN B 115 -27.04 -15.02 -5.67
CA GLN B 115 -26.00 -15.98 -6.04
C GLN B 115 -25.13 -16.35 -4.84
N HIS B 116 -24.98 -15.44 -3.89
CA HIS B 116 -24.14 -15.65 -2.71
C HIS B 116 -24.96 -15.28 -1.47
N PRO B 117 -25.84 -16.18 -1.02
CA PRO B 117 -26.69 -15.87 0.15
C PRO B 117 -25.91 -15.70 1.44
N ASN B 118 -24.63 -16.08 1.47
CA ASN B 118 -23.82 -15.88 2.67
C ASN B 118 -23.51 -14.40 2.91
N LEU B 119 -23.65 -13.56 1.89
CA LEU B 119 -23.52 -12.12 2.11
C LEU B 119 -24.74 -11.57 2.82
N LEU B 120 -25.93 -12.08 2.48
CA LEU B 120 -27.16 -11.68 3.15
C LEU B 120 -27.23 -12.18 4.59
N GLU B 121 -26.22 -12.90 5.07
CA GLU B 121 -26.18 -13.43 6.43
C GLU B 121 -25.32 -12.51 7.29
N TYR B 122 -25.90 -12.03 8.39
CA TYR B 122 -25.19 -11.10 9.26
C TYR B 122 -24.04 -11.81 9.97
N MET B 123 -22.82 -11.37 9.68
CA MET B 123 -21.60 -11.84 10.33
C MET B 123 -21.30 -13.31 10.04
N ALA B 124 -21.78 -13.83 8.92
CA ALA B 124 -21.51 -15.22 8.57
C ALA B 124 -20.22 -15.34 7.79
N PRO B 125 -19.61 -16.54 7.76
CA PRO B 125 -18.41 -16.74 6.94
C PRO B 125 -18.66 -16.39 5.48
N SER B 126 -18.08 -15.28 5.03
CA SER B 126 -18.27 -14.84 3.65
C SER B 126 -17.05 -14.15 3.06
N LEU B 127 -15.94 -14.04 3.79
CA LEU B 127 -14.74 -13.44 3.22
C LEU B 127 -14.30 -14.22 1.98
N ASN B 128 -14.29 -15.55 2.06
CA ASN B 128 -13.98 -16.35 0.88
C ASN B 128 -14.96 -16.05 -0.25
N THR B 129 -16.24 -15.84 0.08
CA THR B 129 -17.21 -15.45 -0.93
C THR B 129 -16.97 -14.01 -1.39
N ARG B 130 -16.74 -13.11 -0.44
CA ARG B 130 -16.50 -11.71 -0.78
C ARG B 130 -15.26 -11.57 -1.65
N GLN B 131 -14.17 -12.24 -1.28
CA GLN B 131 -12.93 -12.15 -2.05
C GLN B 131 -13.12 -12.70 -3.45
N ASP B 132 -13.89 -13.78 -3.59
CA ASP B 132 -14.11 -14.36 -4.91
C ASP B 132 -14.76 -13.36 -5.87
N MET B 133 -15.54 -12.42 -5.33
CA MET B 133 -16.12 -11.37 -6.16
C MET B 133 -15.25 -10.12 -6.22
N LEU B 134 -14.45 -9.87 -5.17
CA LEU B 134 -13.66 -8.65 -5.13
C LEU B 134 -12.45 -8.74 -6.06
N VAL B 135 -11.70 -9.85 -5.98
CA VAL B 135 -10.50 -9.97 -6.80
C VAL B 135 -10.82 -9.86 -8.29
N VAL B 136 -12.07 -10.17 -8.68
CA VAL B 136 -12.48 -10.04 -10.07
C VAL B 136 -13.02 -8.64 -10.36
N GLU B 137 -13.88 -8.12 -9.49
CA GLU B 137 -14.57 -6.87 -9.77
C GLU B 137 -13.68 -5.65 -9.52
N ILE B 138 -12.95 -5.62 -8.41
CA ILE B 138 -12.09 -4.47 -8.11
C ILE B 138 -11.21 -4.10 -9.31
N PRO B 139 -10.47 -5.02 -9.92
CA PRO B 139 -9.70 -4.64 -11.11
C PRO B 139 -10.58 -4.29 -12.29
N LYS B 140 -11.64 -5.07 -12.56
CA LYS B 140 -12.46 -4.82 -13.73
C LYS B 140 -13.14 -3.46 -13.66
N LEU B 141 -13.72 -3.12 -12.51
CA LEU B 141 -14.33 -1.80 -12.37
C LEU B 141 -13.26 -0.71 -12.44
N GLY B 142 -12.08 -0.98 -11.88
CA GLY B 142 -10.99 -0.03 -12.04
C GLY B 142 -10.58 0.12 -13.49
N LYS B 143 -10.62 -0.97 -14.26
CA LYS B 143 -10.27 -0.90 -15.67
C LYS B 143 -11.21 0.04 -16.42
N GLU B 144 -12.51 0.00 -16.11
CA GLU B 144 -13.46 0.90 -16.74
C GLU B 144 -13.02 2.34 -16.61
N ALA B 145 -12.88 2.82 -15.37
CA ALA B 145 -12.45 4.19 -15.14
C ALA B 145 -11.10 4.45 -15.77
N ALA B 146 -10.21 3.46 -15.75
CA ALA B 146 -8.89 3.61 -16.33
C ALA B 146 -8.98 3.94 -17.82
N MET B 147 -9.72 3.13 -18.58
CA MET B 147 -9.84 3.36 -20.01
C MET B 147 -10.39 4.75 -20.32
N LYS B 148 -11.35 5.23 -19.51
CA LYS B 148 -11.92 6.55 -19.75
C LYS B 148 -10.86 7.63 -19.63
N ALA B 149 -10.10 7.61 -18.53
CA ALA B 149 -9.04 8.59 -18.36
C ALA B 149 -8.01 8.49 -19.48
N ILE B 150 -7.74 7.28 -19.95
CA ILE B 150 -6.80 7.10 -21.05
C ILE B 150 -7.38 7.60 -22.36
N LYS B 151 -8.70 7.51 -22.52
CA LYS B 151 -9.35 8.08 -23.71
C LYS B 151 -9.24 9.59 -23.70
N GLU B 152 -9.54 10.22 -22.56
CA GLU B 152 -9.38 11.67 -22.46
C GLU B 152 -7.91 12.07 -22.57
N TRP B 153 -7.02 11.30 -21.95
CA TRP B 153 -5.60 11.60 -22.02
C TRP B 153 -5.12 11.68 -23.46
N GLY B 154 -5.59 10.77 -24.32
CA GLY B 154 -5.24 10.77 -25.72
C GLY B 154 -3.97 10.03 -26.06
N GLN B 155 -3.17 9.63 -25.07
CA GLN B 155 -1.94 8.94 -25.41
C GLN B 155 -2.12 7.43 -25.26
N PRO B 156 -1.36 6.64 -26.01
CA PRO B 156 -1.46 5.19 -25.89
C PRO B 156 -0.92 4.72 -24.54
N LYS B 157 -1.38 3.54 -24.14
CA LYS B 157 -0.99 2.97 -22.85
C LYS B 157 0.47 2.57 -22.86
N SER B 158 1.17 2.84 -23.96
CA SER B 158 2.59 2.55 -24.06
C SER B 158 3.43 3.49 -23.21
N ARG B 159 2.99 4.75 -23.08
CA ARG B 159 3.76 5.75 -22.35
C ARG B 159 3.47 5.75 -20.86
N ILE B 160 2.53 4.93 -20.39
CA ILE B 160 2.29 4.82 -18.96
C ILE B 160 3.49 4.14 -18.31
N THR B 161 4.03 4.78 -17.27
CA THR B 161 5.22 4.28 -16.59
C THR B 161 4.95 3.79 -15.18
N HIS B 162 3.94 4.32 -14.51
CA HIS B 162 3.57 3.91 -13.16
C HIS B 162 2.08 3.67 -13.08
N LEU B 163 1.70 2.75 -12.19
CA LEU B 163 0.30 2.48 -11.89
C LEU B 163 0.13 2.39 -10.38
N ILE B 164 -0.60 3.34 -9.81
CA ILE B 164 -0.98 3.29 -8.40
C ILE B 164 -2.41 2.79 -8.32
N PHE B 165 -2.60 1.64 -7.68
CA PHE B 165 -3.92 1.08 -7.46
C PHE B 165 -4.25 1.13 -5.98
N CYS B 166 -5.48 1.54 -5.67
CA CYS B 166 -5.93 1.69 -4.30
C CYS B 166 -7.32 1.10 -4.17
N SER B 167 -7.52 0.26 -3.16
CA SER B 167 -8.81 -0.37 -2.93
C SER B 167 -8.85 -0.90 -1.51
N THR B 168 -9.91 -0.56 -0.77
CA THR B 168 -10.00 -0.99 0.63
C THR B 168 -10.10 -2.50 0.72
N ASN B 169 -10.91 -3.13 -0.13
CA ASN B 169 -11.25 -4.53 -0.02
C ASN B 169 -10.62 -5.34 -1.15
N GLY B 170 -10.58 -6.65 -0.94
CA GLY B 170 -10.12 -7.59 -1.95
C GLY B 170 -8.61 -7.77 -2.00
N VAL B 171 -7.98 -7.87 -0.83
CA VAL B 171 -6.53 -8.11 -0.81
C VAL B 171 -6.23 -9.44 -1.48
N ASP B 172 -5.22 -9.43 -2.34
CA ASP B 172 -4.87 -10.64 -3.09
C ASP B 172 -3.41 -10.54 -3.50
N MET B 173 -2.84 -11.69 -3.86
CA MET B 173 -1.47 -11.77 -4.35
C MET B 173 -1.46 -12.66 -5.59
N PRO B 174 -1.05 -12.15 -6.76
CA PRO B 174 -0.67 -10.74 -6.92
C PRO B 174 -1.88 -9.82 -6.81
N GLY B 175 -1.64 -8.56 -6.45
CA GLY B 175 -2.72 -7.65 -6.12
C GLY B 175 -3.53 -7.21 -7.33
N ALA B 176 -4.50 -6.33 -7.05
CA ALA B 176 -5.34 -5.78 -8.11
C ALA B 176 -4.54 -4.85 -9.02
N ASP B 177 -3.49 -4.23 -8.50
CA ASP B 177 -2.61 -3.44 -9.34
C ASP B 177 -2.09 -4.26 -10.51
N TYR B 178 -1.72 -5.52 -10.25
CA TYR B 178 -1.23 -6.38 -11.32
C TYR B 178 -2.36 -6.81 -12.26
N GLU B 179 -3.50 -7.21 -11.70
CA GLU B 179 -4.61 -7.67 -12.52
C GLU B 179 -5.12 -6.54 -13.41
N CYS B 180 -5.17 -5.32 -12.90
CA CYS B 180 -5.61 -4.19 -13.71
C CYS B 180 -4.57 -3.84 -14.76
N ALA B 181 -3.28 -3.95 -14.41
CA ALA B 181 -2.24 -3.78 -15.42
C ALA B 181 -2.38 -4.82 -16.52
N LYS B 182 -2.78 -6.04 -16.16
CA LYS B 182 -2.92 -7.11 -17.14
C LYS B 182 -4.19 -6.93 -17.98
N LEU B 183 -5.29 -6.54 -17.34
CA LEU B 183 -6.51 -6.27 -18.10
C LEU B 183 -6.33 -5.08 -19.03
N LEU B 184 -5.62 -4.04 -18.56
CA LEU B 184 -5.34 -2.90 -19.41
C LEU B 184 -4.30 -3.21 -20.47
N GLY B 185 -3.55 -4.29 -20.31
CA GLY B 185 -2.44 -4.56 -21.22
C GLY B 185 -1.33 -3.54 -21.11
N LEU B 186 -1.01 -3.10 -19.89
CA LEU B 186 0.03 -2.12 -19.69
C LEU B 186 1.40 -2.74 -19.92
N SER B 187 2.43 -1.89 -19.89
CA SER B 187 3.79 -2.36 -20.03
C SER B 187 4.13 -3.37 -18.95
N SER B 188 5.00 -4.33 -19.31
CA SER B 188 5.48 -5.27 -18.31
C SER B 188 6.33 -4.57 -17.26
N SER B 189 6.92 -3.43 -17.61
CA SER B 189 7.85 -2.71 -16.73
C SER B 189 7.19 -1.56 -15.99
N VAL B 190 5.86 -1.48 -15.97
CA VAL B 190 5.21 -0.43 -15.21
C VAL B 190 5.55 -0.58 -13.74
N LYS B 191 5.85 0.54 -13.09
CA LYS B 191 6.16 0.56 -11.66
C LYS B 191 4.84 0.72 -10.89
N ARG B 192 4.43 -0.35 -10.22
CA ARG B 192 3.13 -0.42 -9.58
C ARG B 192 3.23 -0.13 -8.08
N VAL B 193 2.17 0.49 -7.56
CA VAL B 193 1.98 0.69 -6.12
C VAL B 193 0.58 0.20 -5.78
N MET B 194 0.49 -0.69 -4.80
CA MET B 194 -0.77 -1.35 -4.45
C MET B 194 -1.13 -0.96 -3.02
N LEU B 195 -2.17 -0.13 -2.88
CA LEU B 195 -2.62 0.35 -1.58
C LEU B 195 -3.89 -0.38 -1.19
N TYR B 196 -3.78 -1.26 -0.20
CA TYR B 196 -4.89 -2.10 0.27
C TYR B 196 -5.32 -1.69 1.66
N GLN B 197 -6.63 -1.73 1.90
CA GLN B 197 -7.19 -1.57 3.25
C GLN B 197 -6.78 -0.24 3.89
N GLN B 198 -6.81 0.83 3.10
CA GLN B 198 -6.35 2.12 3.59
C GLN B 198 -7.48 2.94 4.22
N GLY B 199 -8.61 3.07 3.51
CA GLY B 199 -9.71 3.87 4.01
C GLY B 199 -10.08 4.98 3.06
N HIS B 201 -9.41 8.25 3.08
CA HIS B 201 -8.45 9.32 2.83
C HIS B 201 -7.50 8.92 1.71
N ALA B 202 -7.49 7.61 1.40
CA ALA B 202 -6.53 7.07 0.44
C ALA B 202 -6.62 7.71 -0.94
N GLY B 203 -7.69 8.44 -1.23
CA GLY B 203 -7.71 9.22 -2.46
C GLY B 203 -6.59 10.25 -2.50
N GLY B 204 -6.43 10.98 -1.39
CA GLY B 204 -5.34 11.93 -1.30
C GLY B 204 -3.98 11.27 -1.15
N SER B 205 -3.93 10.10 -0.52
CA SER B 205 -2.69 9.35 -0.45
C SER B 205 -2.20 8.97 -1.85
N VAL B 206 -3.12 8.58 -2.72
CA VAL B 206 -2.75 8.24 -4.10
C VAL B 206 -2.10 9.44 -4.78
N LEU B 207 -2.77 10.59 -4.73
CA LEU B 207 -2.24 11.79 -5.39
C LEU B 207 -0.92 12.23 -4.77
N ARG B 208 -0.78 12.12 -3.45
CA ARG B 208 0.48 12.47 -2.82
C ARG B 208 1.62 11.59 -3.32
N ILE B 209 1.36 10.29 -3.45
CA ILE B 209 2.34 9.38 -4.03
C ILE B 209 2.58 9.72 -5.49
N ALA B 210 1.51 9.89 -6.26
CA ALA B 210 1.64 10.26 -7.66
C ALA B 210 2.42 11.55 -7.83
N LYS B 211 2.32 12.47 -6.85
CA LYS B 211 3.04 13.73 -6.96
C LYS B 211 4.55 13.52 -7.00
N ASP B 212 5.05 12.62 -6.15
CA ASP B 212 6.49 12.40 -6.09
C ASP B 212 6.98 11.54 -7.25
N LEU B 213 6.18 10.57 -7.67
CA LEU B 213 6.60 9.71 -8.78
C LEU B 213 6.70 10.49 -10.08
N ALA B 214 5.78 11.44 -10.31
CA ALA B 214 5.78 12.19 -11.55
C ALA B 214 6.83 13.30 -11.56
N GLU B 215 7.08 13.92 -10.41
CA GLU B 215 8.02 15.03 -10.36
C GLU B 215 9.47 14.59 -10.27
N ASN B 216 9.75 13.38 -9.79
CA ASN B 216 11.11 12.90 -9.62
C ASN B 216 11.61 12.11 -10.82
N ASN B 217 10.79 11.90 -11.84
CA ASN B 217 11.17 11.10 -13.01
C ASN B 217 10.71 11.83 -14.26
N LYS B 218 11.67 12.35 -15.03
CA LYS B 218 11.33 13.04 -16.27
C LYS B 218 10.66 12.11 -17.25
N GLY B 219 9.56 12.56 -17.84
CA GLY B 219 8.80 11.76 -18.77
C GLY B 219 7.84 10.77 -18.12
N ALA B 220 7.81 10.69 -16.79
CA ALA B 220 6.95 9.74 -16.12
C ALA B 220 5.49 10.11 -16.30
N ARG B 221 4.67 9.12 -16.65
CA ARG B 221 3.22 9.26 -16.72
C ARG B 221 2.60 8.27 -15.76
N ILE B 222 1.99 8.78 -14.69
CA ILE B 222 1.45 7.95 -13.61
C ILE B 222 -0.03 7.75 -13.84
N LEU B 223 -0.46 6.49 -13.87
CA LEU B 223 -1.87 6.12 -13.91
C LEU B 223 -2.32 5.76 -12.50
N THR B 224 -3.23 6.56 -11.95
CA THR B 224 -3.86 6.24 -10.68
C THR B 224 -5.20 5.56 -10.94
N VAL B 225 -5.53 4.58 -10.10
CA VAL B 225 -6.76 3.83 -10.23
C VAL B 225 -7.27 3.53 -8.83
N ASN B 226 -8.35 4.19 -8.44
CA ASN B 226 -9.07 3.89 -7.21
C ASN B 226 -10.34 3.14 -7.55
N SER B 227 -10.61 2.07 -6.82
CA SER B 227 -11.77 1.22 -7.07
C SER B 227 -12.32 0.77 -5.72
N GLU B 228 -13.47 1.31 -5.33
CA GLU B 228 -14.12 0.98 -4.07
C GLU B 228 -15.46 0.32 -4.38
N ILE B 229 -15.58 -0.96 -4.05
CA ILE B 229 -16.83 -1.71 -4.17
C ILE B 229 -17.20 -2.22 -2.79
N THR B 230 -18.46 -2.03 -2.42
CA THR B 230 -18.93 -2.35 -1.07
C THR B 230 -19.20 -3.84 -0.88
N ILE B 231 -18.60 -4.70 -1.69
CA ILE B 231 -18.72 -6.14 -1.48
C ILE B 231 -18.17 -6.53 -0.13
N GLY B 232 -16.99 -6.00 0.23
CA GLY B 232 -16.35 -6.36 1.47
C GLY B 232 -17.01 -5.78 2.71
N ILE B 233 -17.82 -4.74 2.56
CA ILE B 233 -18.47 -4.09 3.70
C ILE B 233 -19.97 -4.33 3.73
N PHE B 234 -20.54 -4.98 2.74
CA PHE B 234 -21.98 -5.22 2.73
C PHE B 234 -22.36 -6.13 3.91
N HIS B 235 -23.38 -5.71 4.65
CA HIS B 235 -23.86 -6.48 5.79
C HIS B 235 -25.39 -6.47 5.79
N SER B 236 -25.97 -7.31 6.67
CA SER B 236 -27.41 -7.44 6.83
C SER B 236 -27.92 -6.46 7.88
N PRO B 237 -29.19 -6.08 7.82
CA PRO B 237 -29.75 -5.18 8.82
C PRO B 237 -29.66 -5.77 10.22
N ASP B 238 -29.06 -5.01 11.13
CA ASP B 238 -29.04 -5.35 12.55
C ASP B 238 -29.44 -4.10 13.33
N GLU B 239 -30.57 -4.18 14.04
CA GLU B 239 -31.06 -3.02 14.78
C GLU B 239 -29.98 -2.41 15.66
N THR B 240 -29.02 -3.22 16.11
CA THR B 240 -27.96 -2.74 17.00
C THR B 240 -26.85 -2.05 16.22
N TYR B 241 -26.25 -2.76 15.26
CA TYR B 241 -25.10 -2.26 14.50
C TYR B 241 -25.41 -0.94 13.82
N PHE B 242 -25.27 0.17 14.55
CA PHE B 242 -25.53 1.49 13.97
C PHE B 242 -24.49 1.87 12.93
N ASP B 243 -23.26 1.38 13.08
CA ASP B 243 -22.20 1.72 12.12
C ASP B 243 -22.48 1.09 10.76
N GLY B 244 -22.92 -0.17 10.75
CA GLY B 244 -23.22 -0.82 9.48
C GLY B 244 -24.45 -0.24 8.81
N MET B 245 -25.46 0.13 9.60
CA MET B 245 -26.62 0.82 9.04
C MET B 245 -26.21 2.15 8.44
N VAL B 246 -25.33 2.89 9.11
CA VAL B 246 -24.74 4.08 8.51
C VAL B 246 -23.96 3.70 7.26
N GLY B 247 -23.11 2.68 7.36
CA GLY B 247 -22.31 2.26 6.22
C GLY B 247 -23.13 1.72 5.07
N GLN B 248 -24.26 1.07 5.38
CA GLN B 248 -25.13 0.57 4.31
C GLN B 248 -25.88 1.69 3.63
N ALA B 249 -26.12 2.79 4.35
CA ALA B 249 -26.83 3.94 3.80
C ALA B 249 -25.89 5.04 3.29
N LEU B 250 -24.58 4.86 3.44
CA LEU B 250 -23.62 5.90 3.10
C LEU B 250 -22.67 5.52 1.99
N PHE B 251 -22.18 4.28 1.98
CA PHE B 251 -21.14 3.86 1.04
C PHE B 251 -21.74 3.37 -0.27
N GLY B 252 -21.17 3.85 -1.38
CA GLY B 252 -21.57 3.40 -2.69
C GLY B 252 -20.36 2.95 -3.49
N ASP B 253 -20.65 2.19 -4.54
CA ASP B 253 -19.61 1.61 -5.38
C ASP B 253 -19.20 2.61 -6.46
N GLY B 254 -17.90 2.64 -6.77
CA GLY B 254 -17.38 3.53 -7.77
C GLY B 254 -15.90 3.35 -8.03
N ALA B 255 -15.47 3.69 -9.24
CA ALA B 255 -14.06 3.61 -9.63
C ALA B 255 -13.64 4.93 -10.27
N SER B 256 -12.38 5.28 -10.05
CA SER B 256 -11.82 6.52 -10.59
C SER B 256 -10.41 6.25 -11.08
N ALA B 257 -9.95 7.11 -11.98
CA ALA B 257 -8.61 6.99 -12.53
C ALA B 257 -8.18 8.34 -13.08
N THR B 258 -6.90 8.67 -12.90
CA THR B 258 -6.34 9.91 -13.41
C THR B 258 -5.01 9.61 -14.09
N ILE B 259 -4.58 10.56 -14.91
CA ILE B 259 -3.22 10.57 -15.46
C ILE B 259 -2.49 11.74 -14.85
N VAL B 260 -1.42 11.45 -14.10
CA VAL B 260 -0.60 12.47 -13.46
C VAL B 260 0.76 12.46 -14.11
N GLY B 261 1.28 13.66 -14.41
CA GLY B 261 2.57 13.79 -15.05
C GLY B 261 3.07 15.21 -15.03
N ALA B 262 4.38 15.37 -14.97
CA ALA B 262 5.02 16.69 -15.01
C ALA B 262 5.49 17.00 -16.42
N ASP B 263 5.68 18.29 -16.68
CA ASP B 263 6.13 18.74 -17.99
C ASP B 263 5.20 18.20 -19.07
N PRO B 264 3.95 18.64 -19.11
CA PRO B 264 3.02 18.11 -20.11
C PRO B 264 3.40 18.56 -21.51
N ASP B 265 3.12 17.70 -22.48
CA ASP B 265 3.33 17.99 -23.90
C ASP B 265 1.99 18.40 -24.51
N LYS B 266 1.82 19.71 -24.75
CA LYS B 266 0.57 20.17 -25.34
C LYS B 266 0.41 19.75 -26.79
N GLU B 267 1.53 19.65 -27.52
CA GLU B 267 1.45 19.36 -28.95
C GLU B 267 0.95 17.95 -29.23
N ILE B 268 1.16 17.02 -28.29
CA ILE B 268 0.69 15.65 -28.50
C ILE B 268 -0.73 15.44 -27.99
N GLY B 269 -1.29 16.39 -27.25
CA GLY B 269 -2.69 16.31 -26.86
C GLY B 269 -2.95 16.27 -25.36
N GLU B 270 -1.93 16.58 -24.56
CA GLU B 270 -2.05 16.54 -23.10
C GLU B 270 -2.55 17.89 -22.59
N ARG B 271 -3.67 17.88 -21.86
CA ARG B 271 -4.30 19.09 -21.37
C ARG B 271 -4.20 19.14 -19.84
N PRO B 272 -3.40 20.03 -19.27
CA PRO B 272 -3.30 20.09 -17.80
C PRO B 272 -4.61 20.54 -17.17
N ILE B 273 -4.98 19.86 -16.09
CA ILE B 273 -6.23 20.17 -15.38
C ILE B 273 -5.91 20.88 -14.07
N PHE B 274 -5.16 20.20 -13.21
CA PHE B 274 -4.72 20.78 -11.95
C PHE B 274 -3.25 20.47 -11.71
N GLU B 275 -2.54 21.45 -11.16
CA GLU B 275 -1.14 21.29 -10.76
C GLU B 275 -1.09 21.09 -9.25
N MET B 276 -0.38 20.07 -8.82
CA MET B 276 -0.20 19.80 -7.39
C MET B 276 0.97 20.60 -6.86
N VAL B 277 0.74 21.37 -5.80
CA VAL B 277 1.74 22.25 -5.24
C VAL B 277 2.33 21.69 -3.94
N SER B 278 1.49 21.12 -3.08
CA SER B 278 1.93 20.57 -1.82
C SER B 278 1.01 19.44 -1.40
N ALA B 279 1.60 18.36 -0.91
CA ALA B 279 0.86 17.20 -0.42
C ALA B 279 1.31 16.91 1.01
N ALA B 280 0.38 17.00 1.96
CA ALA B 280 0.67 16.73 3.35
C ALA B 280 -0.26 15.66 3.88
N GLN B 281 0.20 15.00 4.94
CA GLN B 281 -0.62 14.03 5.66
C GLN B 281 -0.49 14.30 7.16
N GLU B 282 -1.52 13.92 7.90
CA GLU B 282 -1.60 14.19 9.32
C GLU B 282 -2.48 13.13 9.94
N PHE B 283 -2.18 12.79 11.19
CA PHE B 283 -3.10 12.01 12.02
C PHE B 283 -3.46 12.84 13.24
N ILE B 284 -4.75 12.93 13.53
CA ILE B 284 -5.19 13.64 14.72
C ILE B 284 -4.84 12.81 15.96
N PRO B 285 -4.10 13.36 16.91
CA PRO B 285 -3.68 12.55 18.07
C PRO B 285 -4.88 12.08 18.88
N ASN B 286 -4.78 10.83 19.35
CA ASN B 286 -5.78 10.29 20.28
C ASN B 286 -7.15 10.20 19.63
N SER B 287 -7.19 9.81 18.35
CA SER B 287 -8.45 9.60 17.65
C SER B 287 -8.46 8.31 16.84
N ASP B 288 -7.59 7.35 17.16
CA ASP B 288 -7.52 6.10 16.41
C ASP B 288 -8.69 5.16 16.70
N GLY B 289 -9.46 5.40 17.77
CA GLY B 289 -10.66 4.65 18.01
C GLY B 289 -11.91 5.21 17.36
N ALA B 290 -11.83 6.42 16.81
CA ALA B 290 -13.00 7.07 16.22
C ALA B 290 -13.49 6.29 15.00
N VAL B 291 -12.60 5.95 14.08
CA VAL B 291 -12.93 5.19 12.88
C VAL B 291 -12.11 3.91 12.89
N ASP B 292 -12.78 2.77 12.98
CA ASP B 292 -12.13 1.47 13.05
C ASP B 292 -12.14 0.81 11.67
N GLY B 293 -11.79 -0.47 11.63
CA GLY B 293 -11.73 -1.22 10.40
C GLY B 293 -10.97 -2.52 10.56
N HIS B 294 -11.68 -3.61 10.84
CA HIS B 294 -11.07 -4.91 11.11
C HIS B 294 -11.56 -5.91 10.08
N LEU B 295 -10.64 -6.44 9.29
CA LEU B 295 -10.96 -7.49 8.32
C LEU B 295 -11.13 -8.79 9.08
N THR B 296 -12.35 -9.32 9.09
CA THR B 296 -12.67 -10.55 9.79
C THR B 296 -13.12 -11.62 8.79
N GLU B 297 -13.34 -12.82 9.31
CA GLU B 297 -13.86 -13.91 8.48
C GLU B 297 -15.25 -13.59 7.93
N ALA B 298 -15.96 -12.65 8.56
CA ALA B 298 -17.27 -12.20 8.09
C ALA B 298 -17.19 -10.92 7.28
N GLY B 299 -16.01 -10.58 6.77
CA GLY B 299 -15.84 -9.35 6.03
C GLY B 299 -15.31 -8.22 6.87
N LEU B 300 -15.28 -7.04 6.26
CA LEU B 300 -14.73 -5.86 6.92
C LEU B 300 -15.73 -5.37 7.97
N VAL B 301 -15.28 -5.28 9.22
CA VAL B 301 -16.10 -4.78 10.32
C VAL B 301 -15.58 -3.39 10.68
N TYR B 302 -16.34 -2.36 10.35
CA TYR B 302 -15.94 -0.98 10.56
C TYR B 302 -16.77 -0.34 11.66
N HIS B 303 -16.21 0.71 12.26
CA HIS B 303 -16.88 1.50 13.28
C HIS B 303 -16.68 2.98 12.97
N ILE B 304 -17.77 3.74 13.02
CA ILE B 304 -17.74 5.19 12.82
C ILE B 304 -18.51 5.83 13.96
N HIS B 305 -17.81 6.59 14.80
CA HIS B 305 -18.41 7.20 15.97
C HIS B 305 -18.86 8.62 15.65
N LYS B 306 -19.75 9.13 16.50
CA LYS B 306 -20.42 10.40 16.22
C LYS B 306 -19.57 11.62 16.55
N ASP B 307 -18.45 11.45 17.27
CA ASP B 307 -17.55 12.57 17.51
C ASP B 307 -16.63 12.84 16.33
N VAL B 308 -16.70 12.02 15.27
CA VAL B 308 -15.83 12.23 14.11
C VAL B 308 -16.04 13.61 13.50
N PRO B 309 -17.27 14.09 13.28
CA PRO B 309 -17.44 15.46 12.77
C PRO B 309 -16.71 16.48 13.63
N GLY B 310 -16.98 16.45 14.94
CA GLY B 310 -16.31 17.36 15.85
C GLY B 310 -14.80 17.20 15.82
N LEU B 311 -14.33 15.94 15.87
CA LEU B 311 -12.90 15.68 15.85
C LEU B 311 -12.24 16.29 14.63
N ILE B 312 -12.86 16.15 13.46
CA ILE B 312 -12.26 16.68 12.23
C ILE B 312 -12.28 18.20 12.24
N SER B 313 -13.39 18.80 12.63
CA SER B 313 -13.50 20.26 12.55
C SER B 313 -12.52 20.96 13.48
N LYS B 314 -12.23 20.37 14.64
CA LYS B 314 -11.34 21.04 15.60
C LYS B 314 -9.91 21.08 15.09
N ASN B 315 -9.50 20.12 14.27
CA ASN B 315 -8.11 19.97 13.85
C ASN B 315 -7.90 20.21 12.36
N ILE B 316 -8.94 20.63 11.63
CA ILE B 316 -8.78 20.88 10.21
C ILE B 316 -7.74 21.97 9.95
N GLU B 317 -7.73 23.01 10.79
CA GLU B 317 -6.80 24.11 10.56
C GLU B 317 -5.36 23.68 10.76
N LYS B 318 -5.11 22.70 11.64
CA LYS B 318 -3.76 22.19 11.83
C LYS B 318 -3.24 21.57 10.55
N SER B 319 -4.07 20.76 9.89
CA SER B 319 -3.67 20.20 8.60
C SER B 319 -3.61 21.28 7.52
N LEU B 320 -4.45 22.30 7.62
CA LEU B 320 -4.39 23.40 6.68
C LEU B 320 -3.04 24.11 6.73
N VAL B 321 -2.62 24.53 7.93
CA VAL B 321 -1.41 25.32 8.06
C VAL B 321 -0.19 24.50 7.64
N GLU B 322 -0.18 23.21 7.96
CA GLU B 322 0.96 22.37 7.60
C GLU B 322 1.08 22.20 6.10
N ALA B 323 -0.04 21.97 5.42
CA ALA B 323 -0.01 21.74 3.98
C ALA B 323 0.39 23.00 3.22
N LEU B 324 -0.08 24.15 3.66
CA LEU B 324 0.29 25.42 3.03
C LEU B 324 1.71 25.88 3.41
N ASN B 325 2.49 24.99 4.01
CA ASN B 325 3.92 25.09 4.25
C ASN B 325 4.29 26.38 4.97
N PRO B 326 4.64 27.50 4.29
CA PRO B 326 4.79 28.76 5.02
C PRO B 326 3.66 29.74 4.72
N ILE B 327 2.88 29.45 3.69
CA ILE B 327 1.83 30.36 3.24
C ILE B 327 0.64 30.28 4.19
N GLY B 328 0.09 31.45 4.53
CA GLY B 328 -1.08 31.53 5.36
C GLY B 328 -2.26 32.12 4.60
N ILE B 329 -3.47 31.83 5.05
CA ILE B 329 -4.69 32.28 4.37
C ILE B 329 -5.54 33.04 5.38
N SER B 330 -5.85 34.30 5.07
CA SER B 330 -6.69 35.14 5.92
C SER B 330 -8.18 34.96 5.65
N ASP B 331 -8.54 34.14 4.67
CA ASP B 331 -9.95 33.92 4.32
C ASP B 331 -10.03 32.62 3.53
N TRP B 332 -10.56 31.56 4.16
CA TRP B 332 -10.61 30.26 3.52
C TRP B 332 -11.43 30.27 2.24
N ASN B 333 -12.32 31.25 2.07
CA ASN B 333 -13.10 31.34 0.85
C ASN B 333 -12.31 31.87 -0.33
N SER B 334 -11.07 32.32 -0.12
CA SER B 334 -10.22 32.78 -1.20
C SER B 334 -9.58 31.63 -1.98
N LEU B 335 -10.05 30.40 -1.75
CA LEU B 335 -9.58 29.22 -2.45
C LEU B 335 -10.78 28.40 -2.88
N PHE B 336 -10.56 27.51 -3.84
CA PHE B 336 -11.58 26.52 -4.14
C PHE B 336 -11.31 25.27 -3.30
N TRP B 337 -12.32 24.41 -3.19
CA TRP B 337 -12.30 23.32 -2.23
C TRP B 337 -12.78 22.03 -2.85
N ILE B 338 -12.08 20.95 -2.55
CA ILE B 338 -12.46 19.58 -2.91
C ILE B 338 -12.36 18.78 -1.63
N VAL B 339 -13.49 18.55 -0.96
CA VAL B 339 -13.53 17.90 0.34
C VAL B 339 -14.15 16.52 0.20
N HIS B 340 -13.55 15.55 0.88
CA HIS B 340 -14.06 14.19 0.83
C HIS B 340 -15.41 14.11 1.53
N PRO B 341 -16.48 13.72 0.84
CA PRO B 341 -17.83 13.72 1.44
C PRO B 341 -18.09 12.49 2.30
N GLY B 342 -17.38 12.40 3.43
CA GLY B 342 -17.59 11.29 4.34
C GLY B 342 -19.00 11.22 4.91
N GLY B 343 -19.73 12.34 4.89
CA GLY B 343 -21.06 12.40 5.42
C GLY B 343 -21.52 13.84 5.60
N PRO B 344 -22.83 14.06 5.60
CA PRO B 344 -23.33 15.45 5.70
C PRO B 344 -22.94 16.13 6.99
N ALA B 345 -22.79 15.37 8.09
CA ALA B 345 -22.40 15.97 9.35
C ALA B 345 -20.95 16.47 9.31
N ILE B 346 -20.08 15.73 8.63
CA ILE B 346 -18.69 16.17 8.52
C ILE B 346 -18.58 17.36 7.59
N LEU B 347 -19.34 17.35 6.48
CA LEU B 347 -19.30 18.47 5.55
C LEU B 347 -19.77 19.76 6.23
N ASN B 348 -20.85 19.68 7.01
CA ASN B 348 -21.37 20.88 7.65
C ASN B 348 -20.40 21.41 8.70
N ALA B 349 -19.75 20.52 9.44
CA ALA B 349 -18.81 20.96 10.47
C ALA B 349 -17.59 21.65 9.87
N VAL B 350 -17.04 21.06 8.80
CA VAL B 350 -15.90 21.67 8.12
C VAL B 350 -16.28 23.01 7.51
N GLU B 351 -17.42 23.05 6.82
CA GLU B 351 -17.91 24.30 6.25
C GLU B 351 -18.14 25.35 7.33
N ALA B 352 -18.69 24.94 8.46
CA ALA B 352 -18.94 25.88 9.55
C ALA B 352 -17.63 26.36 10.17
N LYS B 353 -16.76 25.43 10.57
CA LYS B 353 -15.49 25.79 11.19
C LYS B 353 -14.73 26.80 10.34
N LEU B 354 -14.61 26.53 9.04
CA LEU B 354 -13.88 27.42 8.14
C LEU B 354 -14.72 28.56 7.61
N HIS B 355 -16.01 28.62 7.96
CA HIS B 355 -16.92 29.64 7.45
C HIS B 355 -16.90 29.70 5.92
N LEU B 356 -17.08 28.52 5.31
CA LEU B 356 -17.08 28.40 3.86
C LEU B 356 -18.43 28.80 3.28
N LYS B 357 -18.39 29.50 2.15
CA LYS B 357 -19.61 29.78 1.41
C LYS B 357 -20.17 28.47 0.85
N LYS B 358 -21.50 28.41 0.78
CA LYS B 358 -22.15 27.20 0.28
C LYS B 358 -21.56 26.75 -1.04
N GLU B 359 -21.20 27.71 -1.90
CA GLU B 359 -20.67 27.37 -3.22
C GLU B 359 -19.39 26.53 -3.15
N LYS B 360 -18.74 26.49 -1.98
CA LYS B 360 -17.50 25.71 -1.86
C LYS B 360 -17.76 24.23 -1.76
N MET B 361 -18.87 23.82 -1.15
CA MET B 361 -19.23 22.42 -0.99
C MET B 361 -20.15 21.91 -2.10
N ALA B 362 -20.50 22.76 -3.07
CA ALA B 362 -21.48 22.37 -4.07
C ALA B 362 -21.05 21.11 -4.81
N ASP B 363 -19.84 21.11 -5.38
CA ASP B 363 -19.34 19.92 -6.06
C ASP B 363 -19.24 18.74 -5.12
N THR B 364 -18.88 18.96 -3.85
CA THR B 364 -18.78 17.88 -2.89
C THR B 364 -20.15 17.30 -2.58
N ARG B 365 -21.11 18.15 -2.20
CA ARG B 365 -22.45 17.68 -1.89
C ARG B 365 -23.15 17.09 -3.11
N TYR B 366 -22.78 17.52 -4.31
CA TYR B 366 -23.36 16.93 -5.52
C TYR B 366 -22.94 15.47 -5.67
N VAL B 367 -21.64 15.18 -5.48
CA VAL B 367 -21.16 13.82 -5.60
C VAL B 367 -21.78 12.95 -4.51
N LEU B 368 -21.76 13.43 -3.25
CA LEU B 368 -22.41 12.70 -2.17
C LEU B 368 -23.87 12.43 -2.51
N SER B 369 -24.56 13.41 -3.07
CA SER B 369 -25.97 13.24 -3.41
C SER B 369 -26.16 12.22 -4.52
N GLU B 370 -25.34 12.27 -5.56
CA GLU B 370 -25.54 11.46 -6.75
C GLU B 370 -24.88 10.09 -6.68
N TYR B 371 -23.90 9.90 -5.82
CA TYR B 371 -23.17 8.64 -5.75
C TYR B 371 -22.97 8.10 -4.34
N GLY B 372 -23.18 8.90 -3.31
CA GLY B 372 -22.88 8.48 -1.97
C GLY B 372 -21.40 8.57 -1.68
N ASN B 373 -21.01 7.97 -0.56
CA ASN B 373 -19.61 7.92 -0.15
C ASN B 373 -18.95 6.74 -0.85
N MET B 374 -18.06 7.02 -1.80
CA MET B 374 -17.32 5.99 -2.53
C MET B 374 -15.91 5.82 -1.99
N SER B 375 -15.69 6.17 -0.73
CA SER B 375 -14.40 5.98 -0.05
C SER B 375 -13.35 6.76 -0.83
N SER B 376 -12.17 6.20 -1.10
CA SER B 376 -11.09 6.96 -1.72
C SER B 376 -11.45 7.48 -3.10
N VAL B 377 -12.52 6.95 -3.71
CA VAL B 377 -12.86 7.36 -5.06
C VAL B 377 -13.54 8.72 -5.08
N SER B 378 -14.19 9.12 -3.98
CA SER B 378 -15.15 10.22 -4.02
C SER B 378 -14.49 11.54 -4.44
N ILE B 379 -13.30 11.83 -3.92
CA ILE B 379 -12.67 13.12 -4.22
C ILE B 379 -12.38 13.24 -5.71
N PHE B 380 -12.13 12.12 -6.38
CA PHE B 380 -11.86 12.17 -7.82
C PHE B 380 -13.11 12.57 -8.60
N PHE B 381 -14.27 12.06 -8.19
CA PHE B 381 -15.52 12.54 -8.77
C PHE B 381 -15.70 14.04 -8.56
N ILE B 382 -15.36 14.53 -7.37
CA ILE B 382 -15.52 15.95 -7.08
C ILE B 382 -14.58 16.79 -7.94
N MET B 383 -13.32 16.37 -8.04
CA MET B 383 -12.37 17.09 -8.89
C MET B 383 -12.84 17.14 -10.33
N ASP B 384 -13.35 16.01 -10.85
CA ASP B 384 -13.85 15.98 -12.22
C ASP B 384 -15.10 16.83 -12.38
N LYS B 385 -15.95 16.89 -11.35
CA LYS B 385 -17.11 17.77 -11.38
C LYS B 385 -16.71 19.23 -11.35
N LEU B 386 -15.67 19.56 -10.58
CA LEU B 386 -15.22 20.95 -10.48
C LEU B 386 -14.66 21.45 -11.79
N ARG B 387 -13.74 20.70 -12.39
CA ARG B 387 -13.09 21.18 -13.61
C ARG B 387 -14.06 21.23 -14.78
N LYS B 388 -14.97 20.26 -14.87
CA LYS B 388 -15.95 20.28 -15.95
C LYS B 388 -16.96 21.42 -15.76
N ARG B 389 -17.51 21.54 -14.57
CA ARG B 389 -18.46 22.63 -14.30
C ARG B 389 -17.81 23.99 -14.46
N SER B 390 -16.50 24.09 -14.17
CA SER B 390 -15.81 25.36 -14.37
C SER B 390 -15.76 25.73 -15.85
N LEU B 391 -15.53 24.74 -16.72
CA LEU B 391 -15.48 25.02 -18.15
C LEU B 391 -16.86 25.27 -18.73
N GLU B 392 -17.89 24.65 -18.16
CA GLU B 392 -19.25 24.88 -18.65
C GLU B 392 -19.70 26.31 -18.38
N GLU B 393 -19.37 26.84 -17.20
CA GLU B 393 -19.70 28.22 -16.87
C GLU B 393 -18.75 29.23 -17.50
N GLY B 394 -17.68 28.77 -18.14
CA GLY B 394 -16.71 29.67 -18.71
C GLY B 394 -15.86 30.38 -17.69
N LYS B 395 -15.55 29.72 -16.58
CA LYS B 395 -14.70 30.32 -15.56
C LYS B 395 -13.28 30.52 -16.09
N SER B 396 -12.58 31.49 -15.49
CA SER B 396 -11.21 31.77 -15.92
C SER B 396 -10.28 30.61 -15.61
N THR B 397 -10.57 29.84 -14.57
CA THR B 397 -9.71 28.73 -14.16
C THR B 397 -10.53 27.45 -14.07
N THR B 398 -9.82 26.33 -14.05
CA THR B 398 -10.45 25.04 -13.81
C THR B 398 -10.90 24.85 -12.37
N GLY B 399 -10.63 25.82 -11.51
CA GLY B 399 -11.06 25.75 -10.12
C GLY B 399 -12.07 26.80 -9.76
N ASP B 400 -13.12 26.94 -10.58
CA ASP B 400 -14.22 27.87 -10.29
C ASP B 400 -13.72 29.31 -10.28
N GLY B 401 -12.84 29.63 -11.22
CA GLY B 401 -12.27 30.96 -11.32
C GLY B 401 -11.20 31.27 -10.29
N PHE B 402 -11.04 30.45 -9.27
CA PHE B 402 -10.00 30.65 -8.26
C PHE B 402 -8.72 29.93 -8.68
N GLU B 403 -7.58 30.55 -8.37
CA GLU B 403 -6.31 29.99 -8.79
C GLU B 403 -5.87 28.86 -7.87
N TRP B 404 -5.92 29.08 -6.56
CA TRP B 404 -5.43 28.12 -5.59
C TRP B 404 -6.60 27.40 -4.92
N GLY B 405 -6.37 26.14 -4.56
CA GLY B 405 -7.41 25.32 -3.95
C GLY B 405 -6.81 24.27 -3.03
N VAL B 406 -7.68 23.66 -2.24
CA VAL B 406 -7.29 22.66 -1.26
C VAL B 406 -8.13 21.40 -1.45
N LEU B 407 -7.48 20.24 -1.43
CA LEU B 407 -8.14 18.95 -1.51
C LEU B 407 -7.97 18.21 -0.19
N PHE B 408 -9.06 17.60 0.28
CA PHE B 408 -9.11 17.00 1.61
C PHE B 408 -9.53 15.54 1.52
N GLY B 409 -8.81 14.68 2.22
CA GLY B 409 -9.23 13.31 2.42
C GLY B 409 -9.29 13.00 3.90
N PHE B 410 -10.32 12.27 4.31
CA PHE B 410 -10.53 11.88 5.69
C PHE B 410 -10.62 10.36 5.76
N GLY B 411 -9.99 9.78 6.78
CA GLY B 411 -9.99 8.35 6.93
C GLY B 411 -9.58 7.89 8.32
N PRO B 412 -9.44 6.58 8.51
CA PRO B 412 -9.01 6.07 9.81
C PRO B 412 -7.67 6.66 10.22
N GLY B 413 -7.54 6.96 11.51
CA GLY B 413 -6.33 7.56 12.02
C GLY B 413 -6.52 8.25 13.36
N LEU B 414 -7.30 9.32 13.39
CA LEU B 414 -7.91 9.87 12.18
C LEU B 414 -6.86 10.49 11.27
N THR B 415 -6.91 10.14 10.00
CA THR B 415 -5.94 10.62 9.01
C THR B 415 -6.57 11.72 8.16
N VAL B 416 -5.81 12.79 7.93
CA VAL B 416 -6.23 13.90 7.09
C VAL B 416 -5.18 14.09 6.00
N GLU B 417 -5.56 13.83 4.76
CA GLU B 417 -4.73 14.13 3.60
C GLU B 417 -5.08 15.51 3.09
N THR B 418 -4.09 16.39 2.99
CA THR B 418 -4.31 17.74 2.50
C THR B 418 -3.38 18.00 1.32
N ILE B 419 -3.96 18.43 0.21
CA ILE B 419 -3.21 18.67 -1.03
C ILE B 419 -3.58 20.05 -1.55
N VAL B 420 -2.59 20.92 -1.68
CA VAL B 420 -2.79 22.25 -2.26
C VAL B 420 -2.73 22.11 -3.78
N LEU B 421 -3.79 22.58 -4.45
CA LEU B 421 -3.92 22.46 -5.89
C LEU B 421 -3.79 23.84 -6.54
N HIS B 422 -3.16 23.87 -7.71
CA HIS B 422 -3.10 25.06 -8.54
C HIS B 422 -3.98 24.87 -9.76
N ALA B 423 -4.80 25.87 -10.05
CA ALA B 423 -5.68 25.83 -11.20
C ALA B 423 -5.04 26.54 -12.38
N LEU B 424 -5.50 26.20 -13.58
CA LEU B 424 -4.94 26.70 -14.82
C LEU B 424 -5.99 27.53 -15.56
N GLN B 425 -5.52 28.25 -16.59
CA GLN B 425 -6.30 29.33 -17.19
C GLN B 425 -7.28 28.81 -18.24
N THR B 426 -7.99 29.76 -18.86
CA THR B 426 -9.02 29.47 -19.86
C THR B 426 -10.04 28.46 -19.34
#